data_8HAR
#
_entry.id   8HAR
#
_cell.length_a   74.980
_cell.length_b   91.840
_cell.length_c   125.350
_cell.angle_alpha   90.000
_cell.angle_beta   90.000
_cell.angle_gamma   90.000
#
_symmetry.space_group_name_H-M   'P 21 21 21'
#
loop_
_entity.id
_entity.type
_entity.pdbx_description
1 polymer Fur6
2 non-polymer S-ADENOSYL-L-HOMOCYSTEINE
3 non-polymer 2-AMINO-2-HYDROXYMETHYL-PROPANE-1,3-DIOL
4 water water
#
_entity_poly.entity_id   1
_entity_poly.type   'polypeptide(L)'
_entity_poly.pdbx_seq_one_letter_code
;MTSEATLARFREYMVGPSRFMTLLSCFELGLVDQIRDNPGLTAAELGEAIGAKADAVEQLLLLLVKEGFVAHDEASGAYV
LDGLADVAAGDLKRALAYMNMIKVVALRQLFHLTESAQTGTLVGLKELYGVTEGTLYGAVAEHRDLRDAWSNLMNTVTAN
IDPWFFGNVDVPAGARVLDLAGNTGLGAIHTVAHKASPGLQVTTFDLPEKEQEALANFKAHGVAESCSFIGGDVFDGVPK
GFDIVLIKHFLDMFDKDDVIRILQGVNQALEVGGQVNIMVPVYPEDITDTDNYNVDFFPAFFIGCTMGQGGPQKLSAYQS
WLEECGFKVTKAITKNAAEVPPDVIPVQAIISATKVV
;
_entity_poly.pdbx_strand_id   A,B
#
loop_
_chem_comp.id
_chem_comp.type
_chem_comp.name
_chem_comp.formula
SAH non-polymer S-ADENOSYL-L-HOMOCYSTEINE 'C14 H20 N6 O5 S'
TRS non-polymer 2-AMINO-2-HYDROXYMETHYL-PROPANE-1,3-DIOL 'C4 H12 N O3 1'
#
# COMPACT_ATOMS: atom_id res chain seq x y z
N MET A 1 -20.05 -16.26 2.63
CA MET A 1 -19.36 -15.05 3.17
C MET A 1 -20.29 -13.83 3.05
N THR A 2 -20.38 -13.05 4.12
CA THR A 2 -21.37 -11.95 4.32
C THR A 2 -20.98 -10.72 3.49
N SER A 3 -21.96 -9.84 3.23
CA SER A 3 -21.76 -8.53 2.57
C SER A 3 -21.01 -7.60 3.53
N GLU A 4 -21.29 -7.66 4.83
CA GLU A 4 -20.69 -6.78 5.86
C GLU A 4 -19.26 -7.22 6.16
N ALA A 5 -18.97 -8.54 6.11
CA ALA A 5 -17.60 -9.08 6.21
C ALA A 5 -16.79 -8.66 4.97
N THR A 6 -17.42 -8.62 3.79
CA THR A 6 -16.75 -8.21 2.53
C THR A 6 -16.35 -6.73 2.66
N LEU A 7 -17.27 -5.87 3.11
CA LEU A 7 -17.02 -4.41 3.23
C LEU A 7 -15.95 -4.15 4.29
N ALA A 8 -15.93 -4.94 5.38
CA ALA A 8 -14.90 -4.91 6.44
C ALA A 8 -13.51 -5.24 5.85
N ARG A 9 -13.42 -6.27 5.00
CA ARG A 9 -12.16 -6.70 4.37
C ARG A 9 -11.66 -5.62 3.39
N PHE A 10 -12.57 -4.90 2.74
CA PHE A 10 -12.23 -3.75 1.85
C PHE A 10 -11.44 -2.69 2.64
N ARG A 11 -11.87 -2.40 3.87
CA ARG A 11 -11.22 -1.38 4.73
C ARG A 11 -9.79 -1.84 5.06
N GLU A 12 -9.60 -3.12 5.41
CA GLU A 12 -8.27 -3.72 5.64
C GLU A 12 -7.38 -3.49 4.41
N TYR A 13 -7.95 -3.68 3.20
CA TYR A 13 -7.26 -3.48 1.91
C TYR A 13 -6.89 -2.01 1.73
N MET A 14 -7.79 -1.09 2.10
CA MET A 14 -7.64 0.37 1.85
C MET A 14 -6.45 0.95 2.62
N VAL A 15 -6.15 0.43 3.81
CA VAL A 15 -5.06 0.96 4.69
C VAL A 15 -3.72 0.27 4.38
N GLY A 16 -3.64 -0.59 3.38
CA GLY A 16 -2.40 -1.28 2.99
C GLY A 16 -1.27 -0.30 2.66
N PRO A 17 -1.46 0.62 1.70
CA PRO A 17 -0.41 1.61 1.37
C PRO A 17 0.09 2.40 2.57
N SER A 18 -0.82 3.04 3.31
CA SER A 18 -0.47 3.91 4.47
C SER A 18 0.22 3.08 5.57
N ARG A 19 -0.24 1.86 5.85
CA ARG A 19 0.42 0.98 6.86
C ARG A 19 1.86 0.69 6.42
N PHE A 20 2.04 0.32 5.15
CA PHE A 20 3.33 -0.17 4.60
C PHE A 20 4.37 0.94 4.75
N MET A 21 4.05 2.16 4.30
CA MET A 21 5.00 3.29 4.33
C MET A 21 5.09 3.91 5.74
N THR A 22 4.04 3.87 6.57
CA THR A 22 4.18 4.36 7.97
C THR A 22 5.29 3.55 8.64
N LEU A 23 5.26 2.22 8.51
CA LEU A 23 6.26 1.33 9.16
C LEU A 23 7.64 1.56 8.52
N LEU A 24 7.73 1.57 7.19
CA LEU A 24 9.04 1.66 6.48
C LEU A 24 9.67 3.02 6.79
N SER A 25 8.88 4.11 6.80
CA SER A 25 9.40 5.48 7.04
C SER A 25 9.94 5.59 8.48
N CYS A 26 9.34 4.91 9.44
CA CYS A 26 9.84 4.84 10.85
C CYS A 26 11.25 4.23 10.89
N PHE A 27 11.56 3.28 9.99
CA PHE A 27 12.94 2.72 9.84
C PHE A 27 13.80 3.70 9.05
N GLU A 28 13.32 4.22 7.92
CA GLU A 28 14.08 5.13 7.02
C GLU A 28 14.45 6.43 7.77
N LEU A 29 13.54 6.95 8.60
CA LEU A 29 13.73 8.21 9.39
C LEU A 29 14.80 8.02 10.46
N GLY A 30 15.05 6.79 10.88
CA GLY A 30 16.04 6.44 11.92
C GLY A 30 15.41 6.37 13.30
N LEU A 31 14.06 6.40 13.38
CA LEU A 31 13.33 6.46 14.67
C LEU A 31 13.58 5.16 15.44
N VAL A 32 13.49 4.01 14.77
CA VAL A 32 13.61 2.67 15.42
C VAL A 32 15.03 2.52 15.99
N ASP A 33 16.04 2.94 15.24
CA ASP A 33 17.48 2.89 15.63
C ASP A 33 17.66 3.75 16.89
N GLN A 34 17.22 5.02 16.84
CA GLN A 34 17.24 5.97 17.97
C GLN A 34 16.58 5.36 19.22
N ILE A 35 15.40 4.74 19.07
CA ILE A 35 14.62 4.16 20.19
C ILE A 35 15.35 2.93 20.76
N ARG A 36 15.93 2.11 19.89
CA ARG A 36 16.72 0.91 20.30
C ARG A 36 17.98 1.36 21.03
N ASP A 37 18.70 2.32 20.46
CA ASP A 37 20.04 2.79 20.94
C ASP A 37 19.88 3.65 22.19
N ASN A 38 18.76 4.37 22.34
CA ASN A 38 18.53 5.32 23.47
C ASN A 38 17.15 5.09 24.06
N PRO A 39 16.93 4.00 24.83
CA PRO A 39 15.62 3.72 25.41
C PRO A 39 15.11 4.92 26.23
N GLY A 40 13.85 5.31 26.05
CA GLY A 40 13.11 6.21 26.96
C GLY A 40 13.15 7.67 26.53
N LEU A 41 13.39 7.95 25.25
CA LEU A 41 13.34 9.34 24.70
C LEU A 41 11.88 9.73 24.44
N THR A 42 11.61 11.04 24.43
CA THR A 42 10.30 11.65 24.07
C THR A 42 10.27 11.92 22.56
N ALA A 43 9.12 12.32 22.03
CA ALA A 43 8.92 12.74 20.62
C ALA A 43 9.81 13.94 20.31
N ALA A 44 9.93 14.88 21.27
CA ALA A 44 10.79 16.08 21.18
C ALA A 44 12.26 15.68 20.99
N GLU A 45 12.75 14.78 21.85
CA GLU A 45 14.15 14.26 21.82
C GLU A 45 14.38 13.48 20.51
N LEU A 46 13.46 12.58 20.15
CA LEU A 46 13.56 11.81 18.88
C LEU A 46 13.52 12.77 17.69
N GLY A 47 12.61 13.76 17.72
CA GLY A 47 12.43 14.75 16.65
C GLY A 47 13.72 15.52 16.38
N GLU A 48 14.41 15.96 17.45
CA GLU A 48 15.68 16.73 17.37
C GLU A 48 16.77 15.84 16.78
N ALA A 49 16.81 14.56 17.19
CA ALA A 49 17.81 13.55 16.78
C ALA A 49 17.71 13.21 15.28
N ILE A 50 16.51 13.13 14.69
CA ILE A 50 16.29 12.64 13.29
C ILE A 50 15.95 13.81 12.35
N GLY A 51 15.82 15.04 12.86
CA GLY A 51 15.55 16.24 12.05
C GLY A 51 14.13 16.30 11.55
N ALA A 52 13.16 16.12 12.45
CA ALA A 52 11.71 16.17 12.16
C ALA A 52 10.95 16.78 13.35
N LYS A 53 9.82 17.42 13.08
CA LYS A 53 8.95 18.00 14.14
C LYS A 53 8.48 16.87 15.06
N ALA A 54 8.50 17.10 16.38
CA ALA A 54 8.09 16.15 17.44
C ALA A 54 6.67 15.62 17.14
N ASP A 55 5.83 16.50 16.59
CA ASP A 55 4.39 16.25 16.33
C ASP A 55 4.27 15.20 15.20
N ALA A 56 5.12 15.31 14.18
CA ALA A 56 5.26 14.33 13.07
C ALA A 56 5.71 12.98 13.63
N VAL A 57 6.71 12.98 14.50
CA VAL A 57 7.29 11.75 15.15
C VAL A 57 6.18 11.04 15.95
N GLU A 58 5.49 11.80 16.79
CA GLU A 58 4.36 11.31 17.63
C GLU A 58 3.37 10.53 16.76
N GLN A 59 2.88 11.15 15.68
CA GLN A 59 1.83 10.59 14.79
C GLN A 59 2.28 9.28 14.16
N LEU A 60 3.48 9.27 13.57
CA LEU A 60 4.01 8.12 12.80
C LEU A 60 4.28 6.93 13.73
N LEU A 61 4.63 7.19 14.97
CA LEU A 61 4.95 6.11 15.95
C LEU A 61 3.66 5.50 16.50
N LEU A 62 2.50 6.16 16.31
CA LEU A 62 1.20 5.71 16.90
C LEU A 62 0.88 4.30 16.39
N LEU A 63 1.03 4.07 15.09
CA LEU A 63 0.71 2.75 14.48
C LEU A 63 1.64 1.69 15.08
N LEU A 64 2.91 2.00 15.31
CA LEU A 64 3.88 1.02 15.87
C LEU A 64 3.49 0.68 17.32
N VAL A 65 2.94 1.64 18.08
CA VAL A 65 2.40 1.38 19.45
C VAL A 65 1.13 0.52 19.32
N LYS A 66 0.24 0.85 18.39
CA LYS A 66 -1.02 0.09 18.17
C LYS A 66 -0.71 -1.40 17.93
N GLU A 67 0.32 -1.69 17.12
CA GLU A 67 0.71 -3.06 16.70
C GLU A 67 1.55 -3.75 17.78
N GLY A 68 2.02 -3.03 18.79
CA GLY A 68 2.83 -3.58 19.91
C GLY A 68 4.30 -3.73 19.54
N PHE A 69 4.76 -3.14 18.43
CA PHE A 69 6.20 -3.10 18.05
C PHE A 69 6.95 -2.17 19.00
N VAL A 70 6.30 -1.10 19.44
CA VAL A 70 6.89 -0.02 20.29
C VAL A 70 5.92 0.25 21.45
N ALA A 71 6.46 0.60 22.62
CA ALA A 71 5.70 0.97 23.84
C ALA A 71 5.95 2.47 24.15
N HIS A 72 4.91 3.12 24.67
CA HIS A 72 4.86 4.56 25.00
C HIS A 72 4.41 4.68 26.45
N ASP A 73 5.20 5.34 27.30
CA ASP A 73 4.83 5.60 28.71
C ASP A 73 4.00 6.89 28.74
N GLU A 74 2.70 6.75 29.05
CA GLU A 74 1.70 7.85 29.08
C GLU A 74 2.20 8.99 29.98
N ALA A 75 2.75 8.66 31.15
CA ALA A 75 3.22 9.62 32.18
C ALA A 75 4.38 10.47 31.62
N SER A 76 5.47 9.83 31.19
CA SER A 76 6.75 10.49 30.83
C SER A 76 6.79 10.92 29.36
N GLY A 77 6.04 10.24 28.48
CA GLY A 77 6.10 10.44 27.01
C GLY A 77 7.20 9.59 26.37
N ALA A 78 7.76 8.64 27.13
CA ALA A 78 8.97 7.87 26.79
C ALA A 78 8.63 6.69 25.88
N TYR A 79 9.45 6.43 24.86
CA TYR A 79 9.29 5.30 23.91
C TYR A 79 10.39 4.27 24.17
N VAL A 80 10.02 2.99 24.21
CA VAL A 80 10.96 1.83 24.19
C VAL A 80 10.49 0.87 23.11
N LEU A 81 11.39 0.04 22.57
CA LEU A 81 11.00 -1.10 21.70
C LEU A 81 10.25 -2.13 22.54
N ASP A 82 9.20 -2.74 21.96
CA ASP A 82 8.38 -3.80 22.60
C ASP A 82 8.55 -5.09 21.78
N GLY A 83 7.68 -5.33 20.79
CA GLY A 83 7.81 -6.47 19.85
C GLY A 83 9.17 -6.49 19.17
N LEU A 84 9.66 -5.34 18.70
CA LEU A 84 10.93 -5.20 17.94
C LEU A 84 12.16 -5.46 18.83
N ALA A 85 12.00 -5.48 20.15
CA ALA A 85 13.09 -5.68 21.14
C ALA A 85 13.86 -6.97 20.81
N ASP A 86 13.15 -8.09 20.66
CA ASP A 86 13.74 -9.46 20.56
C ASP A 86 13.88 -9.90 19.09
N VAL A 87 13.67 -8.99 18.13
CA VAL A 87 13.92 -9.30 16.69
C VAL A 87 15.42 -9.16 16.44
N ALA A 88 16.08 -10.25 16.05
CA ALA A 88 17.53 -10.29 15.71
C ALA A 88 17.78 -9.32 14.54
N ALA A 89 18.95 -8.67 14.56
CA ALA A 89 19.41 -7.70 13.55
C ALA A 89 19.38 -8.33 12.15
N GLY A 90 19.76 -9.61 12.05
CA GLY A 90 19.74 -10.39 10.80
C GLY A 90 18.33 -10.51 10.24
N ASP A 91 17.36 -10.85 11.09
CA ASP A 91 15.93 -11.02 10.69
C ASP A 91 15.37 -9.67 10.20
N LEU A 92 15.73 -8.57 10.86
CA LEU A 92 15.20 -7.22 10.57
C LEU A 92 15.78 -6.71 9.24
N LYS A 93 17.07 -6.94 9.01
CA LYS A 93 17.78 -6.62 7.74
C LYS A 93 17.13 -7.35 6.56
N ARG A 94 16.80 -8.64 6.73
CA ARG A 94 16.09 -9.46 5.70
C ARG A 94 14.76 -8.78 5.34
N ALA A 95 13.92 -8.52 6.34
CA ALA A 95 12.57 -7.95 6.18
C ALA A 95 12.67 -6.56 5.53
N LEU A 96 13.57 -5.69 6.02
CA LEU A 96 13.73 -4.31 5.52
C LEU A 96 14.23 -4.31 4.08
N ALA A 97 15.07 -5.29 3.70
CA ALA A 97 15.57 -5.45 2.32
C ALA A 97 14.40 -5.78 1.37
N TYR A 98 13.46 -6.64 1.80
CA TYR A 98 12.24 -6.99 1.01
C TYR A 98 11.33 -5.75 0.93
N MET A 99 11.09 -5.08 2.06
CA MET A 99 10.23 -3.86 2.10
C MET A 99 10.84 -2.78 1.19
N ASN A 100 12.16 -2.63 1.20
CA ASN A 100 12.83 -1.60 0.37
C ASN A 100 12.59 -1.94 -1.12
N MET A 101 12.67 -3.22 -1.46
CA MET A 101 12.49 -3.72 -2.84
C MET A 101 11.07 -3.40 -3.29
N ILE A 102 10.08 -3.66 -2.45
CA ILE A 102 8.65 -3.35 -2.78
C ILE A 102 8.50 -1.84 -3.00
N LYS A 103 9.07 -1.01 -2.12
CA LYS A 103 8.95 0.47 -2.21
C LYS A 103 9.45 0.93 -3.58
N VAL A 104 10.63 0.47 -3.99
CA VAL A 104 11.37 0.92 -5.21
C VAL A 104 10.77 0.27 -6.47
N VAL A 105 10.49 -1.04 -6.44
CA VAL A 105 10.10 -1.83 -7.65
C VAL A 105 8.57 -1.83 -7.87
N ALA A 106 7.77 -1.72 -6.81
CA ALA A 106 6.30 -1.96 -6.91
C ALA A 106 5.45 -0.74 -6.53
N LEU A 107 5.72 -0.06 -5.41
CA LEU A 107 4.74 0.86 -4.76
C LEU A 107 4.17 1.87 -5.79
N ARG A 108 5.00 2.68 -6.44
CA ARG A 108 4.50 3.73 -7.37
C ARG A 108 3.97 3.07 -8.65
N GLN A 109 4.66 2.04 -9.14
CA GLN A 109 4.37 1.35 -10.43
C GLN A 109 2.98 0.71 -10.39
N LEU A 110 2.51 0.28 -9.20
CA LEU A 110 1.22 -0.43 -8.99
C LEU A 110 0.06 0.48 -9.35
N PHE A 111 0.24 1.80 -9.29
CA PHE A 111 -0.76 2.80 -9.73
C PHE A 111 -1.31 2.45 -11.11
N HIS A 112 -0.46 1.89 -11.97
CA HIS A 112 -0.74 1.67 -13.41
C HIS A 112 -0.99 0.18 -13.70
N LEU A 113 -1.29 -0.64 -12.68
CA LEU A 113 -1.57 -2.10 -12.84
C LEU A 113 -2.65 -2.30 -13.92
N THR A 114 -3.72 -1.52 -13.88
CA THR A 114 -4.87 -1.66 -14.81
C THR A 114 -4.35 -1.56 -16.25
N GLU A 115 -3.61 -0.49 -16.53
CA GLU A 115 -3.10 -0.14 -17.88
C GLU A 115 -2.08 -1.20 -18.30
N SER A 116 -1.29 -1.70 -17.35
CA SER A 116 -0.28 -2.76 -17.57
C SER A 116 -1.00 -4.05 -18.00
N ALA A 117 -2.05 -4.45 -17.26
CA ALA A 117 -2.89 -5.63 -17.53
C ALA A 117 -3.60 -5.50 -18.88
N GLN A 118 -3.99 -4.28 -19.28
CA GLN A 118 -4.69 -4.02 -20.56
C GLN A 118 -3.73 -4.11 -21.75
N THR A 119 -2.48 -3.64 -21.62
CA THR A 119 -1.52 -3.51 -22.75
C THR A 119 -0.55 -4.71 -22.81
N GLY A 120 -0.42 -5.49 -21.72
CA GLY A 120 0.66 -6.47 -21.55
C GLY A 120 2.03 -5.81 -21.61
N THR A 121 2.15 -4.60 -21.07
CA THR A 121 3.40 -3.79 -21.01
C THR A 121 3.48 -3.13 -19.62
N LEU A 122 4.66 -2.67 -19.24
CA LEU A 122 4.92 -2.05 -17.92
C LEU A 122 4.74 -0.54 -18.01
N VAL A 123 3.51 -0.05 -17.78
CA VAL A 123 3.18 1.41 -17.82
C VAL A 123 3.85 2.11 -16.62
N GLY A 124 3.95 1.44 -15.47
CA GLY A 124 4.67 1.97 -14.30
C GLY A 124 6.07 2.44 -14.66
N LEU A 125 6.89 1.54 -15.22
CA LEU A 125 8.27 1.83 -15.66
C LEU A 125 8.27 2.90 -16.75
N LYS A 126 7.30 2.86 -17.65
CA LYS A 126 7.13 3.86 -18.75
C LYS A 126 7.04 5.26 -18.13
N GLU A 127 6.09 5.44 -17.21
CA GLU A 127 5.74 6.78 -16.63
C GLU A 127 6.91 7.29 -15.77
N LEU A 128 7.56 6.42 -14.99
CA LEU A 128 8.58 6.81 -13.99
C LEU A 128 9.98 6.92 -14.61
N TYR A 129 10.33 6.05 -15.55
CA TYR A 129 11.73 5.90 -16.07
C TYR A 129 11.81 6.16 -17.58
N GLY A 130 10.69 6.28 -18.30
CA GLY A 130 10.66 6.48 -19.75
C GLY A 130 11.16 5.26 -20.51
N VAL A 131 10.98 4.05 -19.96
CA VAL A 131 11.21 2.75 -20.64
C VAL A 131 9.94 2.40 -21.42
N THR A 132 10.06 2.16 -22.73
CA THR A 132 8.92 2.01 -23.67
C THR A 132 8.70 0.55 -24.08
N GLU A 133 9.64 -0.36 -23.76
CA GLU A 133 9.59 -1.78 -24.21
C GLU A 133 10.21 -2.69 -23.14
N GLY A 134 9.87 -3.98 -23.19
CA GLY A 134 10.58 -5.04 -22.44
C GLY A 134 10.19 -5.07 -20.96
N THR A 135 11.05 -5.68 -20.14
CA THR A 135 10.75 -6.08 -18.74
C THR A 135 11.59 -5.25 -17.77
N LEU A 136 11.36 -5.38 -16.46
CA LEU A 136 12.25 -4.74 -15.45
C LEU A 136 13.66 -5.28 -15.67
N TYR A 137 13.78 -6.56 -16.04
CA TYR A 137 15.07 -7.29 -16.14
C TYR A 137 15.88 -6.67 -17.28
N GLY A 138 15.21 -6.23 -18.36
CA GLY A 138 15.83 -5.52 -19.50
C GLY A 138 16.30 -4.12 -19.15
N ALA A 139 15.67 -3.47 -18.17
CA ALA A 139 15.86 -2.02 -17.86
C ALA A 139 16.89 -1.79 -16.74
N VAL A 140 17.22 -2.79 -15.91
CA VAL A 140 18.07 -2.57 -14.70
C VAL A 140 19.52 -2.26 -15.11
N ALA A 141 19.94 -2.64 -16.31
CA ALA A 141 21.26 -2.28 -16.88
C ALA A 141 21.44 -0.77 -16.84
N GLU A 142 20.38 -0.01 -17.19
CA GLU A 142 20.41 1.47 -17.37
C GLU A 142 19.98 2.20 -16.08
N HIS A 143 19.34 1.53 -15.12
CA HIS A 143 18.67 2.21 -13.97
C HIS A 143 19.20 1.67 -12.63
N ARG A 144 20.19 2.38 -12.08
CA ARG A 144 20.96 2.04 -10.86
C ARG A 144 20.05 1.78 -9.65
N ASP A 145 19.08 2.67 -9.41
CA ASP A 145 18.15 2.60 -8.26
C ASP A 145 17.34 1.29 -8.35
N LEU A 146 16.82 0.97 -9.54
CA LEU A 146 16.02 -0.27 -9.76
C LEU A 146 16.92 -1.49 -9.55
N ARG A 147 18.09 -1.52 -10.18
CA ARG A 147 19.02 -2.68 -10.17
C ARG A 147 19.41 -3.03 -8.73
N ASP A 148 19.82 -2.05 -7.93
CA ASP A 148 20.32 -2.26 -6.54
C ASP A 148 19.16 -2.79 -5.67
N ALA A 149 17.99 -2.15 -5.71
CA ALA A 149 16.81 -2.55 -4.91
C ALA A 149 16.43 -4.01 -5.24
N TRP A 150 16.33 -4.36 -6.53
CA TRP A 150 15.89 -5.71 -6.97
C TRP A 150 17.00 -6.75 -6.78
N SER A 151 18.22 -6.43 -7.21
CA SER A 151 19.40 -7.34 -7.26
C SER A 151 19.79 -7.81 -5.84
N ASN A 152 19.94 -6.85 -4.91
CA ASN A 152 20.32 -7.10 -3.49
C ASN A 152 19.31 -8.06 -2.88
N LEU A 153 18.02 -7.86 -3.13
CA LEU A 153 16.95 -8.71 -2.56
C LEU A 153 17.07 -10.12 -3.15
N MET A 154 16.97 -10.23 -4.48
CA MET A 154 16.99 -11.54 -5.19
C MET A 154 18.17 -12.37 -4.67
N ASN A 155 19.33 -11.73 -4.50
CA ASN A 155 20.56 -12.37 -3.99
C ASN A 155 20.43 -12.75 -2.50
N THR A 156 19.66 -12.02 -1.70
CA THR A 156 19.41 -12.38 -0.26
C THR A 156 18.44 -13.56 -0.23
N VAL A 157 17.38 -13.50 -1.06
CA VAL A 157 16.36 -14.57 -1.15
C VAL A 157 17.08 -15.87 -1.54
N THR A 158 18.00 -15.79 -2.51
CA THR A 158 18.73 -16.96 -3.08
C THR A 158 19.73 -17.53 -2.08
N ALA A 159 20.47 -16.67 -1.36
CA ALA A 159 21.46 -17.08 -0.33
C ALA A 159 20.76 -17.89 0.76
N ASN A 160 19.51 -17.57 1.07
CA ASN A 160 18.73 -18.14 2.21
C ASN A 160 18.07 -19.46 1.80
N ILE A 161 17.66 -19.61 0.53
CA ILE A 161 16.84 -20.78 0.08
C ILE A 161 17.74 -21.87 -0.53
N ASP A 162 18.92 -21.52 -1.06
CA ASP A 162 19.72 -22.47 -1.88
C ASP A 162 20.28 -23.63 -1.05
N PRO A 163 20.66 -23.49 0.24
CA PRO A 163 21.03 -24.66 1.04
C PRO A 163 19.96 -25.77 0.96
N TRP A 164 18.70 -25.42 1.20
CA TRP A 164 17.53 -26.32 1.00
C TRP A 164 17.53 -26.91 -0.42
N PHE A 165 17.75 -26.07 -1.44
CA PHE A 165 17.70 -26.48 -2.87
C PHE A 165 18.73 -27.59 -3.12
N PHE A 166 20.01 -27.33 -2.82
CA PHE A 166 21.14 -28.25 -3.12
C PHE A 166 21.10 -29.49 -2.22
N GLY A 167 20.44 -29.42 -1.07
CA GLY A 167 20.19 -30.56 -0.19
C GLY A 167 19.13 -31.49 -0.78
N ASN A 168 18.38 -31.05 -1.79
CA ASN A 168 17.23 -31.82 -2.36
C ASN A 168 17.42 -32.05 -3.86
N VAL A 169 18.63 -31.83 -4.40
CA VAL A 169 18.92 -31.95 -5.84
C VAL A 169 20.21 -32.79 -6.01
N ASP A 170 20.22 -33.70 -6.98
CA ASP A 170 21.39 -34.59 -7.22
C ASP A 170 22.26 -34.00 -8.33
N VAL A 171 23.52 -33.74 -7.99
CA VAL A 171 24.58 -33.28 -8.93
C VAL A 171 25.76 -34.22 -8.74
N PRO A 172 25.90 -35.26 -9.59
CA PRO A 172 27.00 -36.21 -9.45
C PRO A 172 28.35 -35.67 -9.93
N ALA A 173 29.41 -36.40 -9.61
CA ALA A 173 30.82 -36.07 -9.89
C ALA A 173 30.99 -35.75 -11.38
N GLY A 174 31.64 -34.63 -11.69
CA GLY A 174 32.04 -34.25 -13.07
C GLY A 174 30.89 -33.78 -13.94
N ALA A 175 29.74 -33.43 -13.35
CA ALA A 175 28.54 -32.99 -14.09
C ALA A 175 28.82 -31.65 -14.81
N ARG A 176 28.21 -31.45 -15.97
CA ARG A 176 28.12 -30.13 -16.66
C ARG A 176 26.75 -29.53 -16.30
N VAL A 177 26.74 -28.47 -15.49
CA VAL A 177 25.51 -27.86 -14.91
C VAL A 177 25.33 -26.47 -15.53
N LEU A 178 24.13 -26.19 -16.04
CA LEU A 178 23.71 -24.85 -16.54
C LEU A 178 22.74 -24.23 -15.53
N ASP A 179 23.07 -23.09 -14.95
CA ASP A 179 22.13 -22.27 -14.15
C ASP A 179 21.45 -21.27 -15.09
N LEU A 180 20.24 -21.60 -15.55
CA LEU A 180 19.45 -20.79 -16.50
C LEU A 180 18.86 -19.57 -15.77
N ALA A 181 19.02 -18.37 -16.34
CA ALA A 181 18.65 -17.08 -15.72
C ALA A 181 19.34 -16.97 -14.37
N GLY A 182 20.66 -17.19 -14.34
CA GLY A 182 21.48 -17.27 -13.12
C GLY A 182 21.96 -15.91 -12.62
N ASN A 183 21.50 -14.81 -13.25
CA ASN A 183 21.78 -13.42 -12.78
C ASN A 183 23.30 -13.19 -12.82
N THR A 184 23.93 -12.83 -11.70
CA THR A 184 25.37 -12.47 -11.63
C THR A 184 26.19 -13.63 -11.04
N GLY A 185 25.63 -14.84 -11.01
CA GLY A 185 26.39 -16.10 -10.82
C GLY A 185 26.31 -16.68 -9.41
N LEU A 186 25.49 -16.16 -8.50
CA LEU A 186 25.44 -16.68 -7.11
C LEU A 186 24.93 -18.14 -7.11
N GLY A 187 24.00 -18.48 -8.00
CA GLY A 187 23.50 -19.85 -8.20
C GLY A 187 24.58 -20.82 -8.61
N ALA A 188 25.44 -20.44 -9.55
CA ALA A 188 26.61 -21.24 -9.99
C ALA A 188 27.60 -21.42 -8.83
N ILE A 189 27.88 -20.34 -8.10
CA ILE A 189 28.82 -20.32 -6.93
C ILE A 189 28.33 -21.31 -5.87
N HIS A 190 27.04 -21.27 -5.54
CA HIS A 190 26.35 -22.19 -4.60
C HIS A 190 26.47 -23.63 -5.07
N THR A 191 26.34 -23.89 -6.38
CA THR A 191 26.50 -25.22 -6.98
C THR A 191 27.91 -25.75 -6.66
N VAL A 192 28.95 -24.95 -6.91
CA VAL A 192 30.37 -25.32 -6.67
C VAL A 192 30.60 -25.57 -5.17
N ALA A 193 30.07 -24.70 -4.31
CA ALA A 193 30.20 -24.79 -2.84
C ALA A 193 29.67 -26.14 -2.34
N HIS A 194 28.45 -26.50 -2.75
CA HIS A 194 27.69 -27.67 -2.23
C HIS A 194 28.04 -28.97 -2.97
N LYS A 195 28.51 -28.90 -4.22
CA LYS A 195 28.69 -30.10 -5.09
C LYS A 195 30.13 -30.19 -5.63
N ALA A 196 31.08 -29.49 -5.00
CA ALA A 196 32.51 -29.53 -5.38
C ALA A 196 32.92 -30.97 -5.71
N SER A 197 33.22 -31.25 -6.99
CA SER A 197 33.70 -32.55 -7.52
C SER A 197 34.72 -32.29 -8.63
N PRO A 198 35.70 -33.20 -8.85
CA PRO A 198 36.68 -32.99 -9.92
C PRO A 198 36.01 -33.11 -11.30
N GLY A 199 36.28 -32.15 -12.17
CA GLY A 199 35.65 -32.03 -13.50
C GLY A 199 34.32 -31.27 -13.47
N LEU A 200 33.77 -30.96 -12.28
CA LEU A 200 32.50 -30.19 -12.15
C LEU A 200 32.66 -28.86 -12.89
N GLN A 201 31.77 -28.61 -13.87
CA GLN A 201 31.70 -27.34 -14.65
C GLN A 201 30.30 -26.77 -14.50
N VAL A 202 30.16 -25.51 -14.08
CA VAL A 202 28.86 -24.80 -13.94
C VAL A 202 28.90 -23.54 -14.81
N THR A 203 27.83 -23.28 -15.57
CA THR A 203 27.71 -22.06 -16.42
C THR A 203 26.45 -21.28 -16.03
N THR A 204 26.61 -19.98 -15.78
CA THR A 204 25.50 -19.02 -15.62
C THR A 204 25.03 -18.56 -17.02
N PHE A 205 23.74 -18.72 -17.33
CA PHE A 205 23.08 -18.12 -18.53
C PHE A 205 22.16 -17.00 -18.08
N ASP A 206 22.39 -15.78 -18.60
CA ASP A 206 21.52 -14.60 -18.34
C ASP A 206 21.75 -13.56 -19.44
N LEU A 207 21.15 -12.36 -19.29
CA LEU A 207 21.24 -11.23 -20.25
C LEU A 207 22.71 -10.84 -20.39
N PRO A 208 23.22 -10.55 -21.62
CA PRO A 208 24.65 -10.27 -21.84
C PRO A 208 25.29 -9.24 -20.89
N GLU A 209 24.49 -8.29 -20.41
CA GLU A 209 24.91 -7.15 -19.55
C GLU A 209 25.39 -7.63 -18.18
N LYS A 210 25.08 -8.87 -17.77
CA LYS A 210 25.43 -9.41 -16.42
C LYS A 210 26.85 -9.97 -16.36
N GLU A 211 27.56 -10.01 -17.51
CA GLU A 211 28.81 -10.79 -17.68
C GLU A 211 29.90 -10.30 -16.72
N GLN A 212 30.22 -9.00 -16.75
CA GLN A 212 31.35 -8.40 -15.98
C GLN A 212 31.13 -8.64 -14.47
N GLU A 213 29.87 -8.53 -14.00
CA GLU A 213 29.49 -8.70 -12.58
C GLU A 213 29.59 -10.19 -12.21
N ALA A 214 29.16 -11.07 -13.13
CA ALA A 214 29.23 -12.54 -12.98
C ALA A 214 30.70 -12.97 -12.82
N LEU A 215 31.57 -12.54 -13.74
CA LEU A 215 33.01 -12.91 -13.73
C LEU A 215 33.65 -12.44 -12.43
N ALA A 216 33.36 -11.21 -11.99
CA ALA A 216 33.90 -10.63 -10.72
C ALA A 216 33.36 -11.43 -9.52
N ASN A 217 32.12 -11.90 -9.59
CA ASN A 217 31.50 -12.74 -8.52
C ASN A 217 32.30 -14.03 -8.39
N PHE A 218 32.67 -14.65 -9.52
CA PHE A 218 33.40 -15.94 -9.57
C PHE A 218 34.78 -15.73 -8.93
N LYS A 219 35.49 -14.67 -9.34
CA LYS A 219 36.82 -14.28 -8.81
C LYS A 219 36.76 -14.10 -7.29
N ALA A 220 35.76 -13.38 -6.77
CA ALA A 220 35.60 -13.01 -5.35
C ALA A 220 35.30 -14.25 -4.48
N HIS A 221 34.68 -15.29 -5.06
CA HIS A 221 34.31 -16.54 -4.34
C HIS A 221 35.39 -17.62 -4.58
N GLY A 222 36.36 -17.35 -5.45
CA GLY A 222 37.51 -18.24 -5.73
C GLY A 222 37.10 -19.48 -6.51
N VAL A 223 36.21 -19.31 -7.50
CA VAL A 223 35.60 -20.43 -8.29
C VAL A 223 35.67 -20.11 -9.79
N ALA A 224 36.64 -19.30 -10.22
CA ALA A 224 36.77 -18.82 -11.62
C ALA A 224 37.16 -19.96 -12.57
N GLU A 225 37.82 -21.01 -12.06
CA GLU A 225 38.26 -22.20 -12.85
C GLU A 225 37.07 -23.13 -13.18
N SER A 226 36.03 -23.18 -12.34
CA SER A 226 34.92 -24.16 -12.43
C SER A 226 33.59 -23.49 -12.82
N CYS A 227 33.55 -22.16 -12.95
CA CYS A 227 32.33 -21.38 -13.29
C CYS A 227 32.59 -20.48 -14.51
N SER A 228 31.60 -20.40 -15.41
CA SER A 228 31.66 -19.53 -16.62
C SER A 228 30.29 -18.89 -16.87
N PHE A 229 30.23 -17.98 -17.84
CA PHE A 229 29.04 -17.18 -18.19
C PHE A 229 28.81 -17.23 -19.70
N ILE A 230 27.54 -17.42 -20.09
CA ILE A 230 27.05 -17.23 -21.48
C ILE A 230 25.91 -16.21 -21.42
N GLY A 231 26.08 -15.09 -22.14
CA GLY A 231 25.05 -14.05 -22.28
C GLY A 231 24.10 -14.40 -23.40
N GLY A 232 22.82 -14.14 -23.23
CA GLY A 232 21.82 -14.33 -24.30
C GLY A 232 20.41 -14.10 -23.81
N ASP A 233 19.45 -14.45 -24.67
CA ASP A 233 17.98 -14.42 -24.42
C ASP A 233 17.52 -15.88 -24.50
N VAL A 234 16.81 -16.38 -23.47
CA VAL A 234 16.37 -17.80 -23.41
C VAL A 234 15.53 -18.14 -24.66
N PHE A 235 14.80 -17.16 -25.21
CA PHE A 235 13.84 -17.36 -26.33
C PHE A 235 14.59 -17.53 -27.66
N ASP A 236 15.88 -17.20 -27.70
CA ASP A 236 16.77 -17.42 -28.88
C ASP A 236 17.32 -18.84 -28.85
N GLY A 237 17.39 -19.47 -27.67
CA GLY A 237 17.80 -20.88 -27.51
C GLY A 237 18.63 -21.10 -26.25
N VAL A 238 18.53 -22.29 -25.67
CA VAL A 238 19.27 -22.73 -24.45
C VAL A 238 20.59 -23.35 -24.89
N PRO A 239 21.74 -22.86 -24.37
CA PRO A 239 23.03 -23.51 -24.64
C PRO A 239 22.97 -25.03 -24.55
N LYS A 240 23.70 -25.73 -25.42
CA LYS A 240 23.71 -27.21 -25.50
C LYS A 240 24.92 -27.76 -24.75
N GLY A 241 24.90 -29.07 -24.44
CA GLY A 241 26.05 -29.84 -23.93
C GLY A 241 26.11 -29.88 -22.41
N PHE A 242 24.96 -29.80 -21.73
CA PHE A 242 24.86 -29.92 -20.26
C PHE A 242 24.14 -31.22 -19.90
N ASP A 243 24.46 -31.72 -18.69
CA ASP A 243 23.86 -32.93 -18.06
C ASP A 243 22.69 -32.51 -17.17
N ILE A 244 22.77 -31.32 -16.56
CA ILE A 244 21.80 -30.83 -15.53
C ILE A 244 21.56 -29.33 -15.75
N VAL A 245 20.29 -28.93 -15.82
CA VAL A 245 19.88 -27.51 -15.88
C VAL A 245 19.14 -27.13 -14.59
N LEU A 246 19.60 -26.07 -13.93
CA LEU A 246 18.93 -25.42 -12.77
C LEU A 246 18.10 -24.25 -13.30
N ILE A 247 16.82 -24.16 -12.89
CA ILE A 247 15.94 -23.00 -13.19
C ILE A 247 15.32 -22.49 -11.88
N LYS A 248 15.91 -21.44 -11.31
CA LYS A 248 15.55 -20.91 -9.97
C LYS A 248 14.93 -19.53 -10.15
N HIS A 249 13.70 -19.35 -9.68
CA HIS A 249 12.99 -18.04 -9.63
C HIS A 249 12.90 -17.46 -11.05
N PHE A 250 12.43 -18.25 -12.02
CA PHE A 250 12.37 -17.83 -13.45
C PHE A 250 11.01 -18.15 -14.07
N LEU A 251 10.48 -19.36 -13.89
CA LEU A 251 9.25 -19.80 -14.61
C LEU A 251 8.03 -18.98 -14.19
N ASP A 252 8.00 -18.47 -12.95
CA ASP A 252 6.82 -17.71 -12.44
C ASP A 252 6.74 -16.33 -13.10
N MET A 253 7.77 -15.92 -13.85
CA MET A 253 7.77 -14.60 -14.56
C MET A 253 6.92 -14.68 -15.83
N PHE A 254 6.51 -15.88 -16.27
CA PHE A 254 5.97 -16.12 -17.64
C PHE A 254 4.61 -16.81 -17.60
N ASP A 255 3.75 -16.41 -18.55
CA ASP A 255 2.54 -17.14 -19.00
C ASP A 255 2.94 -18.51 -19.57
N LYS A 256 2.00 -19.46 -19.58
CA LYS A 256 2.16 -20.86 -20.07
C LYS A 256 2.93 -20.87 -21.39
N ASP A 257 2.47 -20.09 -22.38
CA ASP A 257 3.05 -20.12 -23.76
C ASP A 257 4.57 -19.97 -23.66
N ASP A 258 5.06 -19.03 -22.85
CA ASP A 258 6.51 -18.76 -22.71
C ASP A 258 7.17 -19.81 -21.82
N VAL A 259 6.50 -20.30 -20.77
CA VAL A 259 7.04 -21.41 -19.93
C VAL A 259 7.30 -22.61 -20.85
N ILE A 260 6.36 -22.92 -21.74
CA ILE A 260 6.42 -24.09 -22.67
C ILE A 260 7.62 -23.92 -23.59
N ARG A 261 7.83 -22.72 -24.13
CA ARG A 261 9.00 -22.38 -24.99
C ARG A 261 10.30 -22.60 -24.19
N ILE A 262 10.35 -22.16 -22.92
CA ILE A 262 11.54 -22.34 -22.06
C ILE A 262 11.83 -23.83 -21.89
N LEU A 263 10.82 -24.65 -21.56
CA LEU A 263 11.01 -26.09 -21.22
C LEU A 263 11.32 -26.88 -22.49
N GLN A 264 10.68 -26.54 -23.63
CA GLN A 264 10.99 -27.10 -24.97
C GLN A 264 12.44 -26.78 -25.36
N GLY A 265 12.89 -25.54 -25.16
CA GLY A 265 14.30 -25.12 -25.30
C GLY A 265 15.21 -25.97 -24.42
N VAL A 266 14.85 -26.16 -23.15
CA VAL A 266 15.67 -26.90 -22.14
C VAL A 266 15.75 -28.36 -22.60
N ASN A 267 14.64 -28.90 -23.10
CA ASN A 267 14.57 -30.28 -23.65
C ASN A 267 15.62 -30.41 -24.77
N GLN A 268 15.54 -29.55 -25.80
CA GLN A 268 16.44 -29.56 -26.99
C GLN A 268 17.91 -29.48 -26.57
N ALA A 269 18.20 -28.86 -25.42
CA ALA A 269 19.56 -28.62 -24.90
C ALA A 269 20.07 -29.83 -24.09
N LEU A 270 19.21 -30.82 -23.85
CA LEU A 270 19.53 -32.02 -23.04
C LEU A 270 19.50 -33.28 -23.90
N GLU A 271 20.25 -34.30 -23.47
CA GLU A 271 20.19 -35.69 -23.95
C GLU A 271 19.11 -36.42 -23.15
N VAL A 272 18.59 -37.52 -23.69
CA VAL A 272 17.72 -38.49 -22.94
C VAL A 272 18.47 -38.86 -21.65
N GLY A 273 17.82 -38.77 -20.49
CA GLY A 273 18.46 -39.02 -19.19
C GLY A 273 19.03 -37.77 -18.55
N GLY A 274 19.06 -36.64 -19.29
CA GLY A 274 19.46 -35.33 -18.76
C GLY A 274 18.39 -34.79 -17.82
N GLN A 275 18.77 -33.98 -16.84
CA GLN A 275 17.88 -33.60 -15.71
C GLN A 275 17.66 -32.08 -15.67
N VAL A 276 16.48 -31.68 -15.21
CA VAL A 276 16.13 -30.26 -14.91
C VAL A 276 15.70 -30.19 -13.45
N ASN A 277 16.26 -29.25 -12.70
CA ASN A 277 15.85 -28.93 -11.30
C ASN A 277 15.30 -27.49 -11.28
N ILE A 278 14.01 -27.37 -10.99
CA ILE A 278 13.22 -26.10 -10.95
C ILE A 278 12.89 -25.78 -9.49
N MET A 279 13.13 -24.54 -9.08
CA MET A 279 12.60 -23.98 -7.82
C MET A 279 11.79 -22.75 -8.19
N VAL A 280 10.52 -22.73 -7.78
CA VAL A 280 9.53 -21.69 -8.17
C VAL A 280 8.49 -21.55 -7.07
N PRO A 281 8.06 -20.30 -6.77
CA PRO A 281 6.88 -20.10 -5.93
C PRO A 281 5.70 -20.83 -6.57
N VAL A 282 4.90 -21.53 -5.75
CA VAL A 282 3.65 -22.22 -6.20
C VAL A 282 2.47 -21.73 -5.36
N TYR A 283 1.33 -21.52 -6.01
CA TYR A 283 0.01 -21.42 -5.34
C TYR A 283 -0.33 -22.78 -4.74
N PRO A 284 -0.97 -22.85 -3.55
CA PRO A 284 -1.43 -24.12 -2.99
C PRO A 284 -2.58 -24.70 -3.82
N GLU A 285 -2.87 -26.00 -3.66
CA GLU A 285 -3.97 -26.66 -4.41
C GLU A 285 -5.29 -26.00 -3.98
N ASP A 286 -5.44 -25.68 -2.69
CA ASP A 286 -6.57 -24.89 -2.12
C ASP A 286 -6.13 -23.41 -1.97
N ILE A 287 -6.60 -22.54 -2.87
CA ILE A 287 -6.14 -21.12 -2.97
C ILE A 287 -6.47 -20.33 -1.68
N THR A 288 -7.45 -20.76 -0.88
CA THR A 288 -7.89 -20.05 0.37
C THR A 288 -6.85 -20.21 1.48
N ASP A 289 -5.89 -21.13 1.36
CA ASP A 289 -4.85 -21.40 2.40
C ASP A 289 -4.15 -20.09 2.81
N THR A 290 -4.10 -19.81 4.11
CA THR A 290 -3.63 -18.55 4.73
C THR A 290 -2.14 -18.66 5.09
N ASP A 291 -1.55 -19.86 4.97
CA ASP A 291 -0.10 -20.09 5.28
C ASP A 291 0.76 -19.78 4.05
N ASN A 292 0.18 -19.29 2.95
CA ASN A 292 0.88 -19.09 1.65
C ASN A 292 0.45 -17.73 1.07
N TYR A 293 1.36 -16.75 1.07
CA TYR A 293 1.05 -15.36 0.67
C TYR A 293 1.43 -15.11 -0.80
N ASN A 294 1.71 -16.15 -1.59
CA ASN A 294 2.15 -16.01 -3.00
C ASN A 294 1.11 -15.19 -3.78
N VAL A 295 -0.17 -15.48 -3.62
CA VAL A 295 -1.27 -14.87 -4.44
C VAL A 295 -1.51 -13.41 -4.02
N ASP A 296 -1.20 -13.05 -2.77
CA ASP A 296 -1.40 -11.68 -2.23
C ASP A 296 -0.36 -10.70 -2.80
N PHE A 297 0.68 -11.19 -3.50
CA PHE A 297 1.85 -10.39 -3.93
C PHE A 297 2.14 -10.52 -5.42
N PHE A 298 2.35 -11.75 -5.92
CA PHE A 298 3.03 -12.02 -7.22
C PHE A 298 2.19 -11.62 -8.43
N PRO A 299 0.86 -11.88 -8.46
CA PRO A 299 0.06 -11.49 -9.63
C PRO A 299 0.30 -10.02 -9.99
N ALA A 300 0.17 -9.11 -9.01
CA ALA A 300 0.34 -7.65 -9.16
C ALA A 300 1.82 -7.32 -9.43
N PHE A 301 2.75 -8.00 -8.74
CA PHE A 301 4.21 -7.83 -8.87
C PHE A 301 4.67 -8.10 -10.31
N PHE A 302 4.26 -9.22 -10.91
CA PHE A 302 4.71 -9.64 -12.27
C PHE A 302 3.93 -8.84 -13.35
N ILE A 303 2.61 -8.78 -13.26
CA ILE A 303 1.78 -8.12 -14.31
C ILE A 303 2.07 -6.61 -14.33
N GLY A 304 2.15 -5.97 -13.16
CA GLY A 304 2.22 -4.50 -13.06
C GLY A 304 3.64 -3.95 -12.93
N CYS A 305 4.60 -4.74 -12.47
CA CYS A 305 5.89 -4.17 -11.95
C CYS A 305 7.10 -4.70 -12.72
N THR A 306 7.22 -6.01 -12.99
CA THR A 306 8.48 -6.60 -13.52
C THR A 306 8.33 -7.15 -14.94
N MET A 307 7.18 -7.67 -15.35
CA MET A 307 7.09 -8.46 -16.61
C MET A 307 6.03 -7.91 -17.59
N GLY A 308 4.81 -7.62 -17.13
CA GLY A 308 3.64 -7.34 -17.99
C GLY A 308 2.88 -8.61 -18.34
N GLN A 309 3.26 -9.72 -17.71
CA GLN A 309 2.65 -11.08 -17.88
C GLN A 309 3.03 -11.93 -16.66
N GLY A 310 2.57 -13.18 -16.62
CA GLY A 310 3.12 -14.24 -15.75
C GLY A 310 2.43 -14.33 -14.40
N GLY A 311 3.16 -14.86 -13.41
CA GLY A 311 2.64 -15.19 -12.08
C GLY A 311 2.82 -16.67 -11.81
N PRO A 312 2.98 -17.09 -10.53
CA PRO A 312 3.12 -18.51 -10.20
C PRO A 312 1.94 -19.36 -10.70
N GLN A 313 2.08 -20.68 -10.55
CA GLN A 313 1.04 -21.68 -10.84
C GLN A 313 1.02 -22.68 -9.68
N LYS A 314 0.01 -23.55 -9.62
CA LYS A 314 0.01 -24.73 -8.71
C LYS A 314 1.11 -25.69 -9.17
N LEU A 315 1.75 -26.38 -8.21
CA LEU A 315 2.78 -27.41 -8.48
C LEU A 315 2.24 -28.45 -9.48
N SER A 316 0.94 -28.76 -9.44
CA SER A 316 0.26 -29.71 -10.37
C SER A 316 0.31 -29.18 -11.81
N ALA A 317 0.16 -27.87 -12.02
CA ALA A 317 0.20 -27.25 -13.38
C ALA A 317 1.62 -27.37 -13.93
N TYR A 318 2.64 -27.02 -13.13
CA TYR A 318 4.07 -27.12 -13.54
C TYR A 318 4.39 -28.60 -13.85
N GLN A 319 3.93 -29.54 -13.02
CA GLN A 319 4.14 -31.00 -13.27
C GLN A 319 3.56 -31.36 -14.65
N SER A 320 2.31 -30.94 -14.92
CA SER A 320 1.61 -31.17 -16.20
C SER A 320 2.44 -30.61 -17.37
N TRP A 321 2.95 -29.38 -17.25
CA TRP A 321 3.66 -28.70 -18.37
C TRP A 321 5.00 -29.39 -18.64
N LEU A 322 5.68 -29.86 -17.59
CA LEU A 322 6.94 -30.64 -17.74
C LEU A 322 6.66 -31.90 -18.58
N GLU A 323 5.53 -32.57 -18.29
CA GLU A 323 5.11 -33.84 -18.96
C GLU A 323 4.75 -33.58 -20.43
N GLU A 324 4.11 -32.44 -20.75
CA GLU A 324 3.78 -32.02 -22.13
C GLU A 324 5.06 -31.75 -22.94
N CYS A 325 6.19 -31.47 -22.28
CA CYS A 325 7.45 -31.04 -22.93
C CYS A 325 8.50 -32.17 -22.92
N GLY A 326 8.08 -33.40 -22.61
CA GLY A 326 8.92 -34.61 -22.77
C GLY A 326 9.82 -34.89 -21.59
N PHE A 327 9.37 -34.54 -20.37
CA PHE A 327 10.07 -34.80 -19.09
C PHE A 327 9.22 -35.71 -18.19
N LYS A 328 9.89 -36.51 -17.36
CA LYS A 328 9.29 -37.38 -16.32
C LYS A 328 9.73 -36.85 -14.95
N VAL A 329 8.77 -36.52 -14.09
CA VAL A 329 8.98 -35.92 -12.74
C VAL A 329 9.46 -37.02 -11.78
N THR A 330 10.56 -36.80 -11.07
CA THR A 330 11.13 -37.74 -10.05
C THR A 330 10.96 -37.18 -8.63
N LYS A 331 10.92 -35.85 -8.49
CA LYS A 331 10.76 -35.14 -7.18
C LYS A 331 9.79 -33.97 -7.35
N ALA A 332 8.90 -33.80 -6.37
CA ALA A 332 8.05 -32.59 -6.18
C ALA A 332 7.92 -32.34 -4.67
N ILE A 333 8.53 -31.27 -4.18
CA ILE A 333 8.64 -30.91 -2.74
C ILE A 333 8.20 -29.44 -2.59
N THR A 334 7.20 -29.20 -1.74
CA THR A 334 6.73 -27.84 -1.35
C THR A 334 7.36 -27.50 0.01
N LYS A 335 7.96 -26.31 0.11
CA LYS A 335 8.59 -25.79 1.35
C LYS A 335 7.49 -25.60 2.41
N ASN A 336 7.75 -26.11 3.61
CA ASN A 336 6.91 -25.92 4.81
C ASN A 336 7.02 -24.45 5.24
N ALA A 337 5.96 -23.67 5.06
CA ALA A 337 5.87 -22.21 5.38
C ALA A 337 6.22 -21.94 6.85
N ALA A 338 5.96 -22.89 7.76
CA ALA A 338 6.20 -22.77 9.21
C ALA A 338 7.69 -23.02 9.52
N GLU A 339 8.47 -23.50 8.53
CA GLU A 339 9.93 -23.75 8.62
C GLU A 339 10.71 -22.57 8.02
N VAL A 340 9.99 -21.57 7.48
CA VAL A 340 10.56 -20.30 6.94
C VAL A 340 10.27 -19.18 7.94
N PRO A 341 11.18 -18.21 8.15
CA PRO A 341 10.90 -17.07 9.02
C PRO A 341 9.61 -16.37 8.61
N PRO A 342 8.75 -15.95 9.58
CA PRO A 342 7.42 -15.44 9.26
C PRO A 342 7.32 -14.14 8.44
N ASP A 343 8.43 -13.44 8.20
CA ASP A 343 8.44 -12.20 7.38
C ASP A 343 8.49 -12.54 5.87
N VAL A 344 8.83 -13.78 5.51
CA VAL A 344 9.16 -14.16 4.10
C VAL A 344 7.88 -14.47 3.33
N ILE A 345 7.69 -13.80 2.19
CA ILE A 345 6.45 -13.91 1.36
C ILE A 345 6.50 -15.19 0.55
N PRO A 346 7.54 -15.44 -0.30
CA PRO A 346 7.51 -16.57 -1.23
C PRO A 346 7.53 -17.95 -0.54
N VAL A 347 6.65 -18.84 -0.99
CA VAL A 347 6.65 -20.29 -0.66
C VAL A 347 7.04 -21.04 -1.94
N GLN A 348 8.22 -21.66 -1.95
CA GLN A 348 8.81 -22.28 -3.15
C GLN A 348 8.51 -23.79 -3.14
N ALA A 349 8.37 -24.36 -4.33
CA ALA A 349 8.45 -25.81 -4.62
C ALA A 349 9.75 -26.10 -5.35
N ILE A 350 10.30 -27.31 -5.14
CA ILE A 350 11.33 -27.94 -6.01
C ILE A 350 10.62 -28.99 -6.87
N ILE A 351 10.89 -28.98 -8.18
CA ILE A 351 10.45 -30.03 -9.15
C ILE A 351 11.70 -30.49 -9.92
N SER A 352 12.05 -31.77 -9.80
CA SER A 352 13.11 -32.45 -10.56
C SER A 352 12.46 -33.35 -11.59
N ALA A 353 13.02 -33.38 -12.80
CA ALA A 353 12.49 -34.19 -13.94
C ALA A 353 13.64 -34.61 -14.86
N THR A 354 13.44 -35.73 -15.55
CA THR A 354 14.38 -36.37 -16.49
C THR A 354 13.81 -36.27 -17.91
N LYS A 355 14.61 -35.89 -18.88
CA LYS A 355 14.21 -35.93 -20.31
C LYS A 355 14.07 -37.39 -20.75
N VAL A 356 12.92 -37.77 -21.28
CA VAL A 356 12.64 -39.12 -21.88
C VAL A 356 12.32 -38.97 -23.37
N VAL A 357 11.80 -37.81 -23.79
CA VAL A 357 11.25 -37.48 -25.14
C VAL A 357 11.59 -38.59 -26.13
N MET B 1 4.17 -9.06 23.01
CA MET B 1 4.50 -9.14 21.54
C MET B 1 5.82 -9.90 21.36
N THR B 2 5.78 -11.08 20.74
CA THR B 2 6.95 -11.95 20.43
C THR B 2 7.64 -11.45 19.14
N SER B 3 8.88 -11.91 18.93
CA SER B 3 9.69 -11.71 17.69
C SER B 3 8.94 -12.29 16.50
N GLU B 4 8.50 -13.55 16.64
CA GLU B 4 7.79 -14.35 15.62
C GLU B 4 6.54 -13.59 15.15
N ALA B 5 5.72 -13.12 16.09
CA ALA B 5 4.47 -12.37 15.84
C ALA B 5 4.78 -11.05 15.10
N THR B 6 5.88 -10.39 15.46
CA THR B 6 6.30 -9.09 14.85
C THR B 6 6.65 -9.33 13.37
N LEU B 7 7.38 -10.40 13.08
CA LEU B 7 7.86 -10.68 11.70
C LEU B 7 6.65 -11.07 10.82
N ALA B 8 5.68 -11.81 11.37
CA ALA B 8 4.43 -12.19 10.66
C ALA B 8 3.64 -10.93 10.29
N ARG B 9 3.56 -9.96 11.21
CA ARG B 9 2.82 -8.70 10.99
C ARG B 9 3.53 -7.88 9.89
N PHE B 10 4.87 -7.88 9.87
CA PHE B 10 5.69 -7.29 8.77
C PHE B 10 5.26 -7.86 7.42
N ARG B 11 5.06 -9.18 7.32
CA ARG B 11 4.61 -9.85 6.07
C ARG B 11 3.25 -9.27 5.66
N GLU B 12 2.31 -9.15 6.61
CA GLU B 12 0.96 -8.55 6.39
C GLU B 12 1.09 -7.11 5.87
N TYR B 13 2.04 -6.33 6.38
CA TYR B 13 2.28 -4.94 5.93
C TYR B 13 2.83 -4.95 4.49
N MET B 14 3.76 -5.87 4.18
CA MET B 14 4.46 -5.91 2.87
C MET B 14 3.48 -6.14 1.71
N VAL B 15 2.45 -6.98 1.90
CA VAL B 15 1.52 -7.35 0.78
C VAL B 15 0.40 -6.33 0.67
N GLY B 16 0.37 -5.30 1.53
CA GLY B 16 -0.67 -4.25 1.53
C GLY B 16 -0.81 -3.55 0.18
N PRO B 17 0.26 -2.96 -0.40
CA PRO B 17 0.16 -2.30 -1.71
C PRO B 17 -0.30 -3.21 -2.86
N SER B 18 0.23 -4.44 -2.95
CA SER B 18 -0.14 -5.45 -3.97
C SER B 18 -1.61 -5.85 -3.77
N ARG B 19 -2.02 -6.14 -2.53
CA ARG B 19 -3.45 -6.45 -2.22
C ARG B 19 -4.33 -5.28 -2.69
N PHE B 20 -3.98 -4.05 -2.28
CA PHE B 20 -4.82 -2.84 -2.52
C PHE B 20 -5.12 -2.72 -4.02
N MET B 21 -4.09 -2.76 -4.87
CA MET B 21 -4.25 -2.46 -6.33
C MET B 21 -4.81 -3.67 -7.08
N THR B 22 -4.49 -4.90 -6.66
CA THR B 22 -5.10 -6.14 -7.24
C THR B 22 -6.63 -6.01 -7.18
N LEU B 23 -7.18 -5.68 -6.00
CA LEU B 23 -8.64 -5.53 -5.79
C LEU B 23 -9.15 -4.36 -6.64
N LEU B 24 -8.49 -3.20 -6.59
CA LEU B 24 -8.99 -1.99 -7.29
C LEU B 24 -8.94 -2.23 -8.81
N SER B 25 -7.85 -2.80 -9.31
CA SER B 25 -7.66 -3.10 -10.77
C SER B 25 -8.74 -4.06 -11.26
N CYS B 26 -9.12 -5.05 -10.46
CA CYS B 26 -10.22 -5.99 -10.82
C CYS B 26 -11.53 -5.21 -11.05
N PHE B 27 -11.78 -4.12 -10.32
CA PHE B 27 -12.93 -3.21 -10.53
C PHE B 27 -12.65 -2.29 -11.75
N GLU B 28 -11.48 -1.63 -11.78
CA GLU B 28 -11.09 -0.70 -12.88
C GLU B 28 -11.12 -1.39 -14.25
N LEU B 29 -10.63 -2.64 -14.34
CA LEU B 29 -10.57 -3.43 -15.59
C LEU B 29 -11.99 -3.71 -16.12
N GLY B 30 -12.98 -3.73 -15.21
CA GLY B 30 -14.39 -4.05 -15.50
C GLY B 30 -14.71 -5.52 -15.25
N LEU B 31 -13.82 -6.26 -14.55
CA LEU B 31 -13.94 -7.74 -14.38
C LEU B 31 -15.11 -8.06 -13.44
N VAL B 32 -15.31 -7.28 -12.39
CA VAL B 32 -16.40 -7.48 -11.39
C VAL B 32 -17.76 -7.24 -12.06
N ASP B 33 -17.88 -6.17 -12.87
CA ASP B 33 -19.11 -5.83 -13.64
C ASP B 33 -19.47 -6.97 -14.60
N GLN B 34 -18.50 -7.46 -15.37
CA GLN B 34 -18.65 -8.57 -16.34
C GLN B 34 -19.11 -9.84 -15.62
N ILE B 35 -18.53 -10.15 -14.46
CA ILE B 35 -18.87 -11.37 -13.66
C ILE B 35 -20.29 -11.24 -13.09
N ARG B 36 -20.68 -10.05 -12.61
CA ARG B 36 -22.04 -9.78 -12.08
C ARG B 36 -23.05 -9.84 -13.23
N ASP B 37 -22.76 -9.17 -14.35
CA ASP B 37 -23.68 -9.02 -15.52
C ASP B 37 -23.76 -10.32 -16.32
N ASN B 38 -22.69 -11.13 -16.33
CA ASN B 38 -22.58 -12.37 -17.14
C ASN B 38 -22.01 -13.51 -16.29
N PRO B 39 -22.78 -14.06 -15.33
CA PRO B 39 -22.29 -15.17 -14.50
C PRO B 39 -21.82 -16.36 -15.36
N GLY B 40 -20.76 -17.03 -14.90
CA GLY B 40 -20.29 -18.33 -15.44
C GLY B 40 -19.35 -18.17 -16.62
N LEU B 41 -18.87 -16.95 -16.91
CA LEU B 41 -17.85 -16.69 -17.95
C LEU B 41 -16.51 -17.28 -17.49
N THR B 42 -15.68 -17.71 -18.44
CA THR B 42 -14.29 -18.20 -18.21
C THR B 42 -13.33 -17.01 -18.23
N ALA B 43 -12.05 -17.24 -17.91
CA ALA B 43 -10.97 -16.22 -17.95
C ALA B 43 -10.77 -15.78 -19.41
N ALA B 44 -10.92 -16.70 -20.37
CA ALA B 44 -10.78 -16.45 -21.82
C ALA B 44 -11.85 -15.47 -22.31
N GLU B 45 -13.11 -15.74 -21.95
CA GLU B 45 -14.30 -14.93 -22.32
C GLU B 45 -14.19 -13.56 -21.64
N LEU B 46 -13.90 -13.53 -20.34
CA LEU B 46 -13.70 -12.28 -19.56
C LEU B 46 -12.59 -11.43 -20.21
N GLY B 47 -11.49 -12.09 -20.60
CA GLY B 47 -10.32 -11.45 -21.25
C GLY B 47 -10.67 -10.81 -22.58
N GLU B 48 -11.48 -11.50 -23.41
CA GLU B 48 -11.94 -10.99 -24.73
C GLU B 48 -12.78 -9.72 -24.51
N ALA B 49 -13.64 -9.73 -23.50
CA ALA B 49 -14.60 -8.65 -23.15
C ALA B 49 -13.86 -7.38 -22.68
N ILE B 50 -12.83 -7.50 -21.84
CA ILE B 50 -12.16 -6.32 -21.20
C ILE B 50 -10.90 -5.89 -21.97
N GLY B 51 -10.37 -6.73 -22.87
CA GLY B 51 -9.18 -6.43 -23.69
C GLY B 51 -7.87 -6.73 -22.97
N ALA B 52 -7.80 -7.88 -22.30
CA ALA B 52 -6.58 -8.37 -21.58
C ALA B 52 -6.45 -9.87 -21.80
N LYS B 53 -5.22 -10.39 -21.69
CA LYS B 53 -4.93 -11.84 -21.82
C LYS B 53 -5.71 -12.61 -20.76
N ALA B 54 -6.22 -13.79 -21.11
CA ALA B 54 -6.91 -14.75 -20.22
C ALA B 54 -6.01 -15.05 -19.01
N ASP B 55 -4.70 -15.16 -19.25
CA ASP B 55 -3.66 -15.53 -18.25
C ASP B 55 -3.59 -14.42 -17.19
N ALA B 56 -3.75 -13.16 -17.61
CA ALA B 56 -3.78 -11.96 -16.74
C ALA B 56 -5.05 -11.96 -15.90
N VAL B 57 -6.21 -12.13 -16.55
CA VAL B 57 -7.53 -12.18 -15.85
C VAL B 57 -7.48 -13.26 -14.77
N GLU B 58 -7.01 -14.46 -15.12
CA GLU B 58 -6.91 -15.60 -14.17
C GLU B 58 -6.12 -15.17 -12.94
N GLN B 59 -4.92 -14.61 -13.14
CA GLN B 59 -3.95 -14.29 -12.05
C GLN B 59 -4.56 -13.24 -11.12
N LEU B 60 -5.18 -12.19 -11.65
CA LEU B 60 -5.68 -11.03 -10.85
C LEU B 60 -6.92 -11.43 -10.04
N LEU B 61 -7.73 -12.38 -10.51
CA LEU B 61 -8.97 -12.80 -9.80
C LEU B 61 -8.65 -13.82 -8.69
N LEU B 62 -7.50 -14.50 -8.74
CA LEU B 62 -7.11 -15.54 -7.75
C LEU B 62 -7.22 -15.00 -6.32
N LEU B 63 -6.79 -13.75 -6.08
CA LEU B 63 -6.79 -13.13 -4.73
C LEU B 63 -8.24 -12.91 -4.28
N LEU B 64 -9.12 -12.53 -5.19
CA LEU B 64 -10.59 -12.35 -4.93
C LEU B 64 -11.21 -13.70 -4.59
N VAL B 65 -10.77 -14.79 -5.21
CA VAL B 65 -11.22 -16.17 -4.86
C VAL B 65 -10.66 -16.53 -3.47
N LYS B 66 -9.39 -16.22 -3.19
CA LYS B 66 -8.77 -16.51 -1.88
C LYS B 66 -9.58 -15.84 -0.76
N GLU B 67 -10.02 -14.58 -0.97
CA GLU B 67 -10.77 -13.78 0.04
C GLU B 67 -12.25 -14.20 0.05
N GLY B 68 -12.70 -14.96 -0.97
CA GLY B 68 -14.08 -15.44 -1.09
C GLY B 68 -15.03 -14.38 -1.61
N PHE B 69 -14.52 -13.34 -2.27
CA PHE B 69 -15.32 -12.26 -2.92
C PHE B 69 -15.92 -12.79 -4.22
N VAL B 70 -15.27 -13.80 -4.80
CA VAL B 70 -15.56 -14.39 -6.14
C VAL B 70 -15.35 -15.90 -6.00
N ALA B 71 -16.15 -16.72 -6.69
CA ALA B 71 -16.03 -18.20 -6.67
C ALA B 71 -15.53 -18.68 -8.03
N HIS B 72 -14.76 -19.78 -8.05
CA HIS B 72 -14.21 -20.40 -9.27
C HIS B 72 -14.59 -21.89 -9.29
N ASP B 73 -15.13 -22.35 -10.41
CA ASP B 73 -15.53 -23.76 -10.64
C ASP B 73 -14.35 -24.50 -11.30
N GLU B 74 -13.73 -25.44 -10.57
CA GLU B 74 -12.57 -26.24 -11.04
C GLU B 74 -12.86 -26.77 -12.45
N ALA B 75 -14.00 -27.42 -12.63
CA ALA B 75 -14.37 -28.19 -13.85
C ALA B 75 -14.45 -27.28 -15.08
N SER B 76 -15.33 -26.28 -15.04
CA SER B 76 -15.69 -25.41 -16.21
C SER B 76 -14.78 -24.18 -16.31
N GLY B 77 -14.12 -23.79 -15.21
CA GLY B 77 -13.35 -22.54 -15.11
C GLY B 77 -14.25 -21.31 -15.08
N ALA B 78 -15.46 -21.46 -14.53
CA ALA B 78 -16.53 -20.44 -14.50
C ALA B 78 -16.35 -19.55 -13.26
N TYR B 79 -16.51 -18.23 -13.43
CA TYR B 79 -16.44 -17.20 -12.36
C TYR B 79 -17.83 -16.61 -12.06
N VAL B 80 -18.23 -16.62 -10.78
CA VAL B 80 -19.44 -15.93 -10.27
C VAL B 80 -19.04 -15.10 -9.05
N LEU B 81 -19.84 -14.08 -8.71
CA LEU B 81 -19.71 -13.30 -7.45
C LEU B 81 -20.14 -14.18 -6.27
N ASP B 82 -19.39 -14.12 -5.18
CA ASP B 82 -19.64 -14.86 -3.90
C ASP B 82 -19.92 -13.81 -2.82
N GLY B 83 -18.93 -13.50 -1.96
CA GLY B 83 -19.02 -12.40 -0.98
C GLY B 83 -19.58 -11.11 -1.57
N LEU B 84 -19.19 -10.76 -2.80
CA LEU B 84 -19.57 -9.48 -3.46
C LEU B 84 -21.02 -9.53 -3.97
N ALA B 85 -21.65 -10.70 -3.96
CA ALA B 85 -22.99 -10.94 -4.55
C ALA B 85 -24.03 -10.05 -3.85
N ASP B 86 -24.05 -10.06 -2.52
CA ASP B 86 -25.11 -9.40 -1.69
C ASP B 86 -24.68 -7.98 -1.27
N VAL B 87 -23.51 -7.48 -1.72
CA VAL B 87 -23.05 -6.10 -1.39
C VAL B 87 -23.86 -5.10 -2.23
N ALA B 88 -24.55 -4.18 -1.56
CA ALA B 88 -25.43 -3.17 -2.20
C ALA B 88 -24.64 -2.29 -3.17
N ALA B 89 -25.25 -1.95 -4.31
CA ALA B 89 -24.71 -1.04 -5.35
C ALA B 89 -24.12 0.21 -4.70
N GLY B 90 -24.86 0.82 -3.76
CA GLY B 90 -24.53 2.09 -3.11
C GLY B 90 -23.33 1.96 -2.18
N ASP B 91 -23.22 0.84 -1.46
CA ASP B 91 -22.08 0.53 -0.56
C ASP B 91 -20.79 0.41 -1.38
N LEU B 92 -20.84 -0.34 -2.49
CA LEU B 92 -19.67 -0.58 -3.38
C LEU B 92 -19.18 0.76 -3.97
N LYS B 93 -20.12 1.62 -4.38
CA LYS B 93 -19.81 2.95 -5.00
C LYS B 93 -19.06 3.84 -4.00
N ARG B 94 -19.44 3.78 -2.71
CA ARG B 94 -18.77 4.54 -1.62
C ARG B 94 -17.35 3.97 -1.41
N ALA B 95 -17.23 2.66 -1.21
CA ALA B 95 -15.94 1.95 -1.03
C ALA B 95 -14.99 2.29 -2.20
N LEU B 96 -15.45 2.13 -3.44
CA LEU B 96 -14.62 2.30 -4.66
C LEU B 96 -14.16 3.75 -4.80
N ALA B 97 -15.01 4.71 -4.45
CA ALA B 97 -14.71 6.17 -4.47
C ALA B 97 -13.58 6.48 -3.49
N TYR B 98 -13.65 5.89 -2.28
CA TYR B 98 -12.60 6.10 -1.25
C TYR B 98 -11.30 5.43 -1.70
N MET B 99 -11.37 4.21 -2.22
CA MET B 99 -10.19 3.49 -2.78
C MET B 99 -9.59 4.32 -3.92
N ASN B 100 -10.44 4.91 -4.78
CA ASN B 100 -9.98 5.71 -5.93
C ASN B 100 -9.22 6.95 -5.40
N MET B 101 -9.73 7.55 -4.34
CA MET B 101 -9.12 8.74 -3.70
C MET B 101 -7.74 8.36 -3.14
N ILE B 102 -7.62 7.20 -2.48
CA ILE B 102 -6.33 6.71 -1.92
C ILE B 102 -5.35 6.45 -3.08
N LYS B 103 -5.81 5.86 -4.17
CA LYS B 103 -4.98 5.59 -5.37
C LYS B 103 -4.38 6.91 -5.89
N VAL B 104 -5.19 7.97 -5.97
CA VAL B 104 -4.82 9.24 -6.67
C VAL B 104 -4.05 10.16 -5.72
N VAL B 105 -4.40 10.18 -4.43
CA VAL B 105 -3.88 11.19 -3.45
C VAL B 105 -2.72 10.60 -2.65
N ALA B 106 -2.70 9.29 -2.40
CA ALA B 106 -1.78 8.67 -1.41
C ALA B 106 -0.78 7.70 -2.06
N LEU B 107 -1.20 6.84 -2.99
CA LEU B 107 -0.43 5.62 -3.32
C LEU B 107 1.01 5.99 -3.73
N ARG B 108 1.19 6.87 -4.71
CA ARG B 108 2.55 7.22 -5.25
C ARG B 108 3.25 8.19 -4.29
N GLN B 109 2.51 9.16 -3.76
CA GLN B 109 3.03 10.24 -2.88
C GLN B 109 3.69 9.62 -1.63
N LEU B 110 3.16 8.49 -1.12
CA LEU B 110 3.65 7.87 0.14
C LEU B 110 5.09 7.35 -0.04
N PHE B 111 5.51 7.09 -1.29
CA PHE B 111 6.93 6.80 -1.64
C PHE B 111 7.86 7.79 -0.93
N HIS B 112 7.42 9.04 -0.79
CA HIS B 112 8.23 10.19 -0.27
C HIS B 112 7.80 10.59 1.15
N LEU B 113 7.13 9.71 1.89
CA LEU B 113 6.66 10.02 3.27
C LEU B 113 7.86 10.43 4.14
N THR B 114 8.98 9.72 4.04
CA THR B 114 10.17 10.00 4.89
C THR B 114 10.62 11.44 4.63
N GLU B 115 10.72 11.83 3.37
CA GLU B 115 11.19 13.16 2.92
C GLU B 115 10.13 14.19 3.34
N SER B 116 8.85 13.85 3.17
CA SER B 116 7.73 14.72 3.60
C SER B 116 7.80 14.97 5.11
N ALA B 117 8.10 13.94 5.92
CA ALA B 117 8.24 14.05 7.41
C ALA B 117 9.46 14.91 7.79
N GLN B 118 10.57 14.83 7.05
CA GLN B 118 11.84 15.56 7.37
C GLN B 118 11.69 17.06 7.12
N THR B 119 11.01 17.45 6.03
CA THR B 119 10.94 18.84 5.51
C THR B 119 9.65 19.55 5.96
N GLY B 120 8.65 18.81 6.43
CA GLY B 120 7.33 19.36 6.74
C GLY B 120 6.60 19.83 5.48
N THR B 121 6.96 19.29 4.31
CA THR B 121 6.34 19.64 3.00
C THR B 121 5.80 18.37 2.34
N LEU B 122 4.97 18.53 1.30
CA LEU B 122 4.42 17.43 0.46
C LEU B 122 5.39 17.15 -0.71
N VAL B 123 6.36 16.26 -0.49
CA VAL B 123 7.41 15.90 -1.49
C VAL B 123 6.74 15.11 -2.63
N GLY B 124 5.82 14.20 -2.30
CA GLY B 124 4.97 13.51 -3.29
C GLY B 124 4.36 14.50 -4.28
N LEU B 125 3.66 15.52 -3.78
CA LEU B 125 2.94 16.55 -4.58
C LEU B 125 3.93 17.33 -5.47
N LYS B 126 5.13 17.59 -4.95
CA LYS B 126 6.22 18.30 -5.66
C LYS B 126 6.78 17.38 -6.77
N GLU B 127 7.15 16.13 -6.42
CA GLU B 127 7.74 15.12 -7.34
C GLU B 127 6.82 14.90 -8.55
N LEU B 128 5.50 14.85 -8.36
CA LEU B 128 4.52 14.40 -9.40
C LEU B 128 3.83 15.57 -10.10
N TYR B 129 3.50 16.66 -9.39
CA TYR B 129 2.63 17.76 -9.89
C TYR B 129 3.38 19.11 -9.91
N GLY B 130 4.66 19.14 -9.51
CA GLY B 130 5.51 20.35 -9.54
C GLY B 130 5.06 21.42 -8.56
N VAL B 131 4.19 21.09 -7.61
CA VAL B 131 3.67 22.02 -6.56
C VAL B 131 4.80 22.29 -5.56
N THR B 132 5.31 23.53 -5.55
CA THR B 132 6.56 23.94 -4.84
C THR B 132 6.30 24.11 -3.33
N GLU B 133 5.10 24.56 -2.96
CA GLU B 133 4.76 24.90 -1.54
C GLU B 133 3.25 24.70 -1.29
N GLY B 134 2.86 24.60 -0.02
CA GLY B 134 1.45 24.52 0.41
C GLY B 134 0.94 23.08 0.50
N THR B 135 -0.37 22.92 0.29
CA THR B 135 -1.19 21.77 0.76
C THR B 135 -1.98 21.19 -0.41
N LEU B 136 -2.58 20.01 -0.22
CA LEU B 136 -3.52 19.39 -1.20
C LEU B 136 -4.66 20.38 -1.49
N TYR B 137 -5.07 21.16 -0.48
CA TYR B 137 -6.22 22.10 -0.53
C TYR B 137 -5.95 23.23 -1.53
N GLY B 138 -4.76 23.83 -1.48
CA GLY B 138 -4.30 24.85 -2.45
C GLY B 138 -4.19 24.29 -3.87
N ALA B 139 -3.49 23.16 -4.04
CA ALA B 139 -3.09 22.57 -5.34
C ALA B 139 -4.30 22.02 -6.13
N VAL B 140 -5.46 21.84 -5.48
CA VAL B 140 -6.69 21.29 -6.13
C VAL B 140 -7.09 22.16 -7.33
N ALA B 141 -7.06 23.49 -7.19
CA ALA B 141 -7.59 24.47 -8.17
C ALA B 141 -6.96 24.28 -9.55
N GLU B 142 -5.66 23.98 -9.61
CA GLU B 142 -4.83 23.95 -10.85
C GLU B 142 -4.67 22.52 -11.40
N HIS B 143 -5.00 21.49 -10.61
CA HIS B 143 -4.77 20.06 -10.95
C HIS B 143 -6.10 19.29 -10.92
N ARG B 144 -6.50 18.72 -12.07
CA ARG B 144 -7.85 18.19 -12.32
C ARG B 144 -8.01 16.81 -11.65
N ASP B 145 -7.01 15.94 -11.74
CA ASP B 145 -7.12 14.53 -11.27
C ASP B 145 -7.19 14.50 -9.73
N LEU B 146 -6.48 15.41 -9.04
CA LEU B 146 -6.58 15.57 -7.56
C LEU B 146 -7.97 16.11 -7.21
N ARG B 147 -8.41 17.18 -7.88
CA ARG B 147 -9.72 17.86 -7.66
C ARG B 147 -10.87 16.86 -7.76
N ASP B 148 -10.88 16.02 -8.80
CA ASP B 148 -11.99 15.06 -9.10
C ASP B 148 -11.99 13.92 -8.07
N ALA B 149 -10.81 13.34 -7.80
CA ALA B 149 -10.63 12.21 -6.85
C ALA B 149 -10.98 12.64 -5.41
N TRP B 150 -10.49 13.80 -4.97
CA TRP B 150 -10.53 14.27 -3.55
C TRP B 150 -11.72 15.20 -3.32
N SER B 151 -11.82 16.32 -4.07
CA SER B 151 -12.83 17.39 -3.87
C SER B 151 -14.26 16.82 -3.95
N ASN B 152 -14.57 16.08 -5.02
CA ASN B 152 -15.91 15.51 -5.31
C ASN B 152 -16.32 14.53 -4.20
N LEU B 153 -15.40 13.69 -3.72
CA LEU B 153 -15.65 12.66 -2.68
C LEU B 153 -15.96 13.32 -1.33
N MET B 154 -15.27 14.42 -1.01
CA MET B 154 -15.47 15.21 0.24
C MET B 154 -16.93 15.68 0.31
N ASN B 155 -17.45 16.24 -0.79
CA ASN B 155 -18.85 16.73 -0.90
C ASN B 155 -19.81 15.59 -0.53
N THR B 156 -19.64 14.40 -1.13
CA THR B 156 -20.55 13.23 -0.98
C THR B 156 -20.56 12.77 0.49
N VAL B 157 -19.38 12.58 1.11
CA VAL B 157 -19.26 12.11 2.52
C VAL B 157 -19.77 13.23 3.45
N THR B 158 -19.56 14.50 3.07
CA THR B 158 -20.12 15.70 3.75
C THR B 158 -21.63 15.55 3.91
N ALA B 159 -22.34 15.27 2.81
CA ALA B 159 -23.81 15.20 2.73
C ALA B 159 -24.34 14.00 3.53
N ASN B 160 -23.54 12.94 3.69
CA ASN B 160 -23.92 11.70 4.42
C ASN B 160 -23.76 11.91 5.93
N ILE B 161 -22.87 12.81 6.36
CA ILE B 161 -22.50 13.02 7.80
C ILE B 161 -23.07 14.36 8.32
N ASP B 162 -23.44 15.30 7.44
CA ASP B 162 -24.00 16.63 7.82
C ASP B 162 -25.30 16.47 8.59
N PRO B 163 -26.23 15.57 8.18
CA PRO B 163 -27.46 15.32 8.94
C PRO B 163 -27.19 14.95 10.41
N TRP B 164 -26.15 14.18 10.67
CA TRP B 164 -25.72 13.78 12.04
C TRP B 164 -25.12 14.98 12.77
N PHE B 165 -24.36 15.82 12.05
CA PHE B 165 -23.73 17.04 12.64
C PHE B 165 -24.83 18.01 13.10
N PHE B 166 -25.66 18.47 12.16
CA PHE B 166 -26.70 19.50 12.42
C PHE B 166 -27.75 18.94 13.39
N GLY B 167 -27.95 17.63 13.41
CA GLY B 167 -28.84 16.94 14.36
C GLY B 167 -28.31 16.96 15.79
N ASN B 168 -27.04 17.32 16.00
CA ASN B 168 -26.38 17.27 17.34
C ASN B 168 -25.82 18.65 17.74
N VAL B 169 -26.11 19.69 16.97
CA VAL B 169 -25.67 21.09 17.24
C VAL B 169 -26.91 21.98 17.42
N ASP B 170 -26.92 22.81 18.45
CA ASP B 170 -28.01 23.77 18.80
C ASP B 170 -27.76 25.10 18.08
N VAL B 171 -28.63 25.47 17.14
CA VAL B 171 -28.63 26.77 16.44
C VAL B 171 -30.01 27.40 16.64
N PRO B 172 -30.22 28.24 17.68
CA PRO B 172 -31.52 28.87 17.91
C PRO B 172 -31.87 29.93 16.86
N ALA B 173 -33.11 30.44 16.95
CA ALA B 173 -33.68 31.47 16.06
C ALA B 173 -32.88 32.77 16.24
N GLY B 174 -32.55 33.44 15.13
CA GLY B 174 -31.82 34.72 15.10
C GLY B 174 -30.33 34.57 15.40
N ALA B 175 -29.76 33.36 15.27
CA ALA B 175 -28.33 33.08 15.57
C ALA B 175 -27.44 33.68 14.48
N ARG B 176 -26.31 34.28 14.87
CA ARG B 176 -25.21 34.69 13.96
C ARG B 176 -24.15 33.59 14.01
N VAL B 177 -24.03 32.82 12.91
CA VAL B 177 -23.18 31.60 12.79
C VAL B 177 -22.01 31.90 11.86
N LEU B 178 -20.79 31.60 12.31
CA LEU B 178 -19.56 31.64 11.47
C LEU B 178 -19.13 30.20 11.17
N ASP B 179 -19.07 29.83 9.89
CA ASP B 179 -18.48 28.55 9.42
C ASP B 179 -16.98 28.79 9.19
N LEU B 180 -16.16 28.29 10.11
CA LEU B 180 -14.68 28.49 10.08
C LEU B 180 -14.09 27.52 9.06
N ALA B 181 -13.25 28.04 8.16
CA ALA B 181 -12.69 27.30 6.99
C ALA B 181 -13.84 26.73 6.16
N GLY B 182 -14.86 27.54 5.88
CA GLY B 182 -16.08 27.12 5.17
C GLY B 182 -15.87 26.93 3.67
N ASN B 183 -14.63 27.04 3.18
CA ASN B 183 -14.24 26.73 1.78
C ASN B 183 -15.06 27.62 0.83
N THR B 184 -15.93 27.04 -0.01
CA THR B 184 -16.71 27.79 -1.05
C THR B 184 -18.19 27.88 -0.64
N GLY B 185 -18.52 27.57 0.61
CA GLY B 185 -19.79 27.99 1.25
C GLY B 185 -20.79 26.88 1.42
N LEU B 186 -20.52 25.66 0.92
CA LEU B 186 -21.42 24.49 1.06
C LEU B 186 -21.86 24.34 2.52
N GLY B 187 -20.93 24.43 3.48
CA GLY B 187 -21.21 24.31 4.92
C GLY B 187 -22.24 25.33 5.40
N ALA B 188 -22.10 26.58 4.98
CA ALA B 188 -23.03 27.70 5.29
C ALA B 188 -24.40 27.40 4.69
N ILE B 189 -24.44 26.97 3.42
CA ILE B 189 -25.71 26.60 2.70
C ILE B 189 -26.40 25.48 3.48
N HIS B 190 -25.66 24.44 3.88
CA HIS B 190 -26.20 23.26 4.61
C HIS B 190 -26.73 23.69 5.98
N THR B 191 -26.09 24.66 6.64
CA THR B 191 -26.53 25.24 7.93
C THR B 191 -27.92 25.86 7.72
N VAL B 192 -28.07 26.71 6.69
CA VAL B 192 -29.34 27.41 6.35
C VAL B 192 -30.42 26.36 6.06
N ALA B 193 -30.09 25.32 5.29
CA ALA B 193 -31.01 24.22 4.89
C ALA B 193 -31.54 23.47 6.11
N HIS B 194 -30.71 23.28 7.15
CA HIS B 194 -31.00 22.42 8.33
C HIS B 194 -31.60 23.24 9.48
N LYS B 195 -31.26 24.53 9.58
CA LYS B 195 -31.59 25.39 10.77
C LYS B 195 -32.33 26.66 10.37
N ALA B 196 -32.93 26.71 9.17
CA ALA B 196 -33.66 27.88 8.63
C ALA B 196 -34.63 28.42 9.70
N SER B 197 -34.46 29.68 10.09
CA SER B 197 -35.19 30.34 11.20
C SER B 197 -35.17 31.85 11.01
N PRO B 198 -36.15 32.60 11.55
CA PRO B 198 -36.15 34.06 11.45
C PRO B 198 -34.84 34.69 11.99
N GLY B 199 -34.20 35.50 11.15
CA GLY B 199 -33.00 36.29 11.52
C GLY B 199 -31.71 35.48 11.46
N LEU B 200 -31.75 34.26 10.92
CA LEU B 200 -30.54 33.39 10.78
C LEU B 200 -29.59 34.02 9.76
N GLN B 201 -28.37 34.32 10.19
CA GLN B 201 -27.26 34.78 9.31
C GLN B 201 -26.10 33.79 9.49
N VAL B 202 -25.51 33.34 8.37
CA VAL B 202 -24.34 32.41 8.37
C VAL B 202 -23.27 32.95 7.44
N THR B 203 -22.07 33.20 7.98
CA THR B 203 -20.88 33.66 7.23
C THR B 203 -19.88 32.51 7.10
N THR B 204 -19.47 32.24 5.86
CA THR B 204 -18.27 31.43 5.52
C THR B 204 -17.02 32.30 5.80
N PHE B 205 -16.05 31.77 6.56
CA PHE B 205 -14.71 32.36 6.74
C PHE B 205 -13.68 31.42 6.10
N ASP B 206 -12.96 31.93 5.09
CA ASP B 206 -11.85 31.20 4.40
C ASP B 206 -10.90 32.21 3.76
N LEU B 207 -9.91 31.72 2.99
CA LEU B 207 -8.90 32.57 2.30
C LEU B 207 -9.61 33.41 1.23
N PRO B 208 -9.19 34.68 1.00
CA PRO B 208 -9.84 35.56 0.03
C PRO B 208 -10.15 34.96 -1.36
N GLU B 209 -9.27 34.12 -1.91
CA GLU B 209 -9.41 33.57 -3.30
C GLU B 209 -10.65 32.68 -3.44
N LYS B 210 -11.39 32.40 -2.36
CA LYS B 210 -12.65 31.62 -2.39
C LYS B 210 -13.87 32.56 -2.39
N GLU B 211 -13.69 33.85 -2.14
CA GLU B 211 -14.82 34.81 -1.94
C GLU B 211 -15.78 34.74 -3.13
N GLN B 212 -15.24 34.79 -4.36
CA GLN B 212 -16.03 34.85 -5.62
C GLN B 212 -16.82 33.55 -5.83
N GLU B 213 -16.17 32.40 -5.66
CA GLU B 213 -16.81 31.05 -5.81
C GLU B 213 -17.90 30.86 -4.74
N ALA B 214 -17.74 31.46 -3.56
CA ALA B 214 -18.68 31.34 -2.42
C ALA B 214 -19.95 32.14 -2.68
N LEU B 215 -19.81 33.44 -3.01
CA LEU B 215 -20.93 34.37 -3.33
C LEU B 215 -21.80 33.78 -4.45
N ALA B 216 -21.20 33.06 -5.41
CA ALA B 216 -21.90 32.46 -6.57
C ALA B 216 -22.67 31.22 -6.13
N ASN B 217 -22.11 30.44 -5.20
CA ASN B 217 -22.75 29.23 -4.61
C ASN B 217 -24.00 29.67 -3.83
N PHE B 218 -23.94 30.78 -3.08
CA PHE B 218 -25.08 31.31 -2.30
C PHE B 218 -26.22 31.72 -3.24
N LYS B 219 -25.89 32.41 -4.35
CA LYS B 219 -26.88 32.86 -5.38
C LYS B 219 -27.59 31.63 -5.96
N ALA B 220 -26.82 30.64 -6.43
CA ALA B 220 -27.31 29.43 -7.14
C ALA B 220 -28.21 28.57 -6.23
N HIS B 221 -27.93 28.53 -4.92
CA HIS B 221 -28.71 27.75 -3.91
C HIS B 221 -29.81 28.63 -3.30
N GLY B 222 -29.87 29.92 -3.68
CA GLY B 222 -30.96 30.85 -3.36
C GLY B 222 -30.92 31.33 -1.91
N VAL B 223 -29.73 31.51 -1.34
CA VAL B 223 -29.52 31.85 0.10
C VAL B 223 -28.59 33.07 0.21
N ALA B 224 -28.53 33.91 -0.83
CA ALA B 224 -27.69 35.14 -0.87
C ALA B 224 -28.11 36.11 0.23
N GLU B 225 -29.39 36.09 0.63
CA GLU B 225 -29.97 37.00 1.65
C GLU B 225 -29.52 36.59 3.06
N SER B 226 -29.23 35.31 3.29
CA SER B 226 -28.89 34.72 4.62
C SER B 226 -27.38 34.48 4.78
N CYS B 227 -26.65 34.30 3.67
CA CYS B 227 -25.22 33.87 3.67
C CYS B 227 -24.32 34.95 3.07
N SER B 228 -23.20 35.24 3.74
CA SER B 228 -22.12 36.12 3.25
C SER B 228 -20.77 35.41 3.39
N PHE B 229 -19.71 36.01 2.84
CA PHE B 229 -18.32 35.52 2.91
C PHE B 229 -17.46 36.60 3.56
N ILE B 230 -16.50 36.19 4.41
CA ILE B 230 -15.42 37.06 4.95
C ILE B 230 -14.08 36.37 4.66
N GLY B 231 -13.18 37.06 3.96
CA GLY B 231 -11.85 36.55 3.56
C GLY B 231 -10.80 36.88 4.62
N GLY B 232 -9.89 35.94 4.90
CA GLY B 232 -8.85 36.12 5.93
C GLY B 232 -8.12 34.83 6.27
N ASP B 233 -6.99 34.96 6.97
CA ASP B 233 -6.22 33.84 7.57
C ASP B 233 -6.65 33.74 9.02
N VAL B 234 -6.97 32.54 9.49
CA VAL B 234 -7.47 32.27 10.88
C VAL B 234 -6.41 32.71 11.89
N PHE B 235 -5.13 32.67 11.51
CA PHE B 235 -3.98 33.01 12.40
C PHE B 235 -3.80 34.53 12.51
N ASP B 236 -4.52 35.32 11.71
CA ASP B 236 -4.56 36.81 11.80
C ASP B 236 -5.79 37.25 12.58
N GLY B 237 -6.61 36.29 13.06
CA GLY B 237 -7.77 36.55 13.92
C GLY B 237 -9.09 36.12 13.31
N VAL B 238 -10.08 35.87 14.16
CA VAL B 238 -11.44 35.39 13.79
C VAL B 238 -12.38 36.59 13.83
N PRO B 239 -13.23 36.80 12.79
CA PRO B 239 -14.22 37.88 12.82
C PRO B 239 -15.08 37.89 14.09
N LYS B 240 -15.41 39.09 14.60
CA LYS B 240 -16.25 39.31 15.80
C LYS B 240 -17.73 39.37 15.39
N GLY B 241 -18.64 39.35 16.37
CA GLY B 241 -20.08 39.59 16.18
C GLY B 241 -20.86 38.32 15.93
N PHE B 242 -20.28 37.15 16.21
CA PHE B 242 -20.92 35.82 15.99
C PHE B 242 -21.23 35.19 17.35
N ASP B 243 -22.32 34.42 17.40
CA ASP B 243 -22.83 33.71 18.61
C ASP B 243 -22.33 32.26 18.61
N ILE B 244 -22.14 31.66 17.43
CA ILE B 244 -21.79 30.23 17.23
C ILE B 244 -20.73 30.14 16.13
N VAL B 245 -19.62 29.44 16.41
CA VAL B 245 -18.57 29.10 15.41
C VAL B 245 -18.61 27.59 15.16
N LEU B 246 -18.82 27.19 13.90
CA LEU B 246 -18.72 25.78 13.43
C LEU B 246 -17.31 25.55 12.89
N ILE B 247 -16.67 24.47 13.34
CA ILE B 247 -15.31 24.05 12.85
C ILE B 247 -15.36 22.57 12.46
N LYS B 248 -15.56 22.30 11.17
CA LYS B 248 -15.70 20.94 10.59
C LYS B 248 -14.47 20.62 9.74
N HIS B 249 -13.76 19.54 10.07
CA HIS B 249 -12.67 18.95 9.26
C HIS B 249 -11.57 20.00 9.03
N PHE B 250 -11.15 20.68 10.10
CA PHE B 250 -10.15 21.78 10.03
C PHE B 250 -9.06 21.52 11.07
N LEU B 251 -9.43 21.20 12.31
CA LEU B 251 -8.48 21.13 13.45
C LEU B 251 -7.41 20.06 13.20
N ASP B 252 -7.78 18.94 12.56
CA ASP B 252 -6.86 17.79 12.27
C ASP B 252 -5.80 18.17 11.23
N MET B 253 -5.92 19.33 10.57
CA MET B 253 -4.94 19.87 9.59
C MET B 253 -3.71 20.47 10.29
N PHE B 254 -3.74 20.64 11.61
CA PHE B 254 -2.71 21.40 12.36
C PHE B 254 -2.20 20.59 13.56
N ASP B 255 -1.00 20.95 14.02
CA ASP B 255 -0.37 20.42 15.26
C ASP B 255 -0.90 21.26 16.44
N LYS B 256 -0.80 20.71 17.65
CA LYS B 256 -1.30 21.29 18.92
C LYS B 256 -1.13 22.83 18.92
N ASP B 257 0.10 23.32 18.84
CA ASP B 257 0.42 24.77 19.07
C ASP B 257 -0.48 25.61 18.16
N ASP B 258 -0.65 25.21 16.91
CA ASP B 258 -1.53 25.89 15.91
C ASP B 258 -3.00 25.66 16.27
N VAL B 259 -3.38 24.48 16.78
CA VAL B 259 -4.79 24.22 17.22
C VAL B 259 -5.11 25.22 18.35
N ILE B 260 -4.22 25.32 19.35
CA ILE B 260 -4.37 26.27 20.50
C ILE B 260 -4.57 27.69 19.95
N ARG B 261 -3.76 28.13 18.99
CA ARG B 261 -3.86 29.48 18.36
C ARG B 261 -5.25 29.66 17.73
N ILE B 262 -5.79 28.64 17.06
CA ILE B 262 -7.14 28.74 16.43
C ILE B 262 -8.20 28.89 17.54
N LEU B 263 -8.13 28.05 18.59
CA LEU B 263 -9.15 28.04 19.69
C LEU B 263 -9.07 29.34 20.50
N GLN B 264 -7.87 29.91 20.70
CA GLN B 264 -7.67 31.24 21.34
C GLN B 264 -8.25 32.34 20.45
N GLY B 265 -8.01 32.27 19.13
CA GLY B 265 -8.58 33.21 18.14
C GLY B 265 -10.10 33.15 18.19
N VAL B 266 -10.67 31.94 18.25
CA VAL B 266 -12.15 31.75 18.31
C VAL B 266 -12.66 32.35 19.62
N ASN B 267 -11.92 32.15 20.73
CA ASN B 267 -12.28 32.64 22.08
C ASN B 267 -12.34 34.18 22.07
N GLN B 268 -11.37 34.83 21.42
CA GLN B 268 -11.27 36.32 21.34
C GLN B 268 -12.42 36.88 20.49
N ALA B 269 -12.95 36.11 19.53
CA ALA B 269 -14.04 36.54 18.63
C ALA B 269 -15.41 36.45 19.33
N LEU B 270 -15.51 35.67 20.41
CA LEU B 270 -16.81 35.34 21.08
C LEU B 270 -16.99 36.18 22.34
N GLU B 271 -18.23 36.53 22.66
CA GLU B 271 -18.63 37.01 24.01
C GLU B 271 -18.72 35.79 24.94
N VAL B 272 -18.76 36.03 26.26
CA VAL B 272 -19.02 34.98 27.28
C VAL B 272 -20.42 34.40 26.97
N GLY B 273 -20.51 33.07 26.83
CA GLY B 273 -21.75 32.38 26.43
C GLY B 273 -21.79 32.04 24.95
N GLY B 274 -20.84 32.55 24.17
CA GLY B 274 -20.65 32.18 22.75
C GLY B 274 -20.29 30.71 22.62
N GLN B 275 -20.71 30.05 21.54
CA GLN B 275 -20.61 28.56 21.39
C GLN B 275 -19.67 28.20 20.22
N VAL B 276 -18.91 27.12 20.40
CA VAL B 276 -18.12 26.47 19.31
C VAL B 276 -18.55 25.00 19.22
N ASN B 277 -18.73 24.51 18.00
CA ASN B 277 -19.10 23.12 17.67
C ASN B 277 -18.05 22.59 16.68
N ILE B 278 -17.22 21.65 17.14
CA ILE B 278 -16.14 21.02 16.34
C ILE B 278 -16.59 19.64 15.88
N MET B 279 -16.36 19.32 14.60
CA MET B 279 -16.35 17.92 14.09
C MET B 279 -14.93 17.60 13.60
N VAL B 280 -14.38 16.48 14.06
CA VAL B 280 -12.96 16.11 13.83
C VAL B 280 -12.84 14.59 13.96
N PRO B 281 -12.00 13.92 13.13
CA PRO B 281 -11.65 12.52 13.37
C PRO B 281 -10.92 12.39 14.71
N VAL B 282 -11.15 11.30 15.46
CA VAL B 282 -10.46 11.11 16.77
C VAL B 282 -9.79 9.74 16.85
N TYR B 283 -8.64 9.69 17.51
CA TYR B 283 -7.99 8.43 17.92
C TYR B 283 -8.73 7.92 19.16
N PRO B 284 -8.90 6.59 19.33
CA PRO B 284 -9.55 6.05 20.52
C PRO B 284 -8.61 6.26 21.71
N GLU B 285 -9.13 6.35 22.94
CA GLU B 285 -8.27 6.61 24.14
C GLU B 285 -7.39 5.39 24.40
N ASP B 286 -7.84 4.19 24.05
CA ASP B 286 -6.98 2.97 24.00
C ASP B 286 -6.57 2.77 22.54
N ILE B 287 -5.32 3.07 22.21
CA ILE B 287 -4.84 3.20 20.81
C ILE B 287 -4.72 1.80 20.15
N THR B 288 -4.73 0.72 20.95
CA THR B 288 -4.68 -0.70 20.47
C THR B 288 -6.01 -1.15 19.88
N ASP B 289 -7.13 -0.42 20.10
CA ASP B 289 -8.49 -0.75 19.60
C ASP B 289 -8.47 -0.98 18.08
N THR B 290 -9.13 -2.04 17.61
CA THR B 290 -9.09 -2.52 16.20
C THR B 290 -10.34 -2.06 15.43
N ASP B 291 -11.38 -1.56 16.11
CA ASP B 291 -12.59 -1.01 15.45
C ASP B 291 -12.23 0.34 14.81
N ASN B 292 -11.20 1.02 15.31
CA ASN B 292 -10.82 2.39 14.86
C ASN B 292 -9.55 2.31 13.98
N TYR B 293 -9.69 2.59 12.68
CA TYR B 293 -8.63 2.45 11.65
C TYR B 293 -7.91 3.78 11.41
N ASN B 294 -8.18 4.79 12.24
CA ASN B 294 -7.70 6.19 12.07
C ASN B 294 -6.17 6.19 12.10
N VAL B 295 -5.53 5.46 13.01
CA VAL B 295 -4.05 5.46 13.16
C VAL B 295 -3.40 4.70 12.00
N ASP B 296 -4.08 3.71 11.40
CA ASP B 296 -3.56 2.91 10.25
C ASP B 296 -3.47 3.80 8.99
N PHE B 297 -4.20 4.91 8.97
CA PHE B 297 -4.42 5.72 7.76
C PHE B 297 -3.88 7.15 7.92
N PHE B 298 -4.29 7.89 8.95
CA PHE B 298 -4.25 9.37 8.96
C PHE B 298 -2.84 9.93 9.17
N PRO B 299 -1.99 9.38 10.07
CA PRO B 299 -0.63 9.89 10.22
C PRO B 299 0.07 10.07 8.87
N ALA B 300 0.08 9.03 8.04
CA ALA B 300 0.73 8.99 6.71
C ALA B 300 -0.01 9.91 5.73
N PHE B 301 -1.35 9.93 5.79
CA PHE B 301 -2.22 10.72 4.89
C PHE B 301 -2.00 12.22 5.10
N PHE B 302 -2.00 12.69 6.35
CA PHE B 302 -1.81 14.12 6.67
C PHE B 302 -0.35 14.53 6.36
N ILE B 303 0.60 13.85 6.99
CA ILE B 303 2.06 14.19 6.91
C ILE B 303 2.55 14.01 5.47
N GLY B 304 2.11 12.97 4.78
CA GLY B 304 2.67 12.56 3.48
C GLY B 304 1.90 13.09 2.28
N CYS B 305 0.58 13.25 2.38
CA CYS B 305 -0.32 13.38 1.21
C CYS B 305 -1.08 14.71 1.19
N THR B 306 -1.59 15.21 2.32
CA THR B 306 -2.53 16.37 2.32
C THR B 306 -1.92 17.66 2.90
N MET B 307 -1.12 17.61 3.97
CA MET B 307 -0.74 18.83 4.74
C MET B 307 0.76 18.94 4.97
N GLY B 308 1.47 17.83 5.15
CA GLY B 308 2.88 17.85 5.60
C GLY B 308 2.97 18.11 7.09
N GLN B 309 1.84 18.02 7.78
CA GLN B 309 1.71 18.27 9.25
C GLN B 309 0.35 17.75 9.72
N GLY B 310 0.06 17.90 11.02
CA GLY B 310 -1.26 17.66 11.61
C GLY B 310 -1.53 16.18 11.83
N GLY B 311 -2.81 15.81 11.80
CA GLY B 311 -3.31 14.48 12.17
C GLY B 311 -4.36 14.57 13.27
N PRO B 312 -5.23 13.53 13.38
CA PRO B 312 -6.21 13.46 14.46
C PRO B 312 -5.57 13.48 15.85
N GLN B 313 -6.41 13.63 16.87
CA GLN B 313 -6.01 13.51 18.30
C GLN B 313 -7.06 12.65 19.01
N LYS B 314 -6.77 12.17 20.22
CA LYS B 314 -7.81 11.62 21.12
C LYS B 314 -8.82 12.72 21.42
N LEU B 315 -10.10 12.35 21.55
CA LEU B 315 -11.20 13.24 22.02
C LEU B 315 -10.79 13.92 23.34
N SER B 316 -10.11 13.19 24.25
CA SER B 316 -9.64 13.72 25.56
C SER B 316 -8.63 14.86 25.38
N ALA B 317 -7.78 14.77 24.35
CA ALA B 317 -6.79 15.82 24.01
C ALA B 317 -7.53 17.09 23.60
N TYR B 318 -8.44 16.99 22.64
CA TYR B 318 -9.25 18.13 22.14
C TYR B 318 -10.02 18.78 23.30
N GLN B 319 -10.59 17.98 24.21
CA GLN B 319 -11.37 18.51 25.37
C GLN B 319 -10.44 19.29 26.31
N SER B 320 -9.26 18.75 26.64
CA SER B 320 -8.20 19.43 27.45
C SER B 320 -7.78 20.75 26.79
N TRP B 321 -7.64 20.77 25.45
CA TRP B 321 -7.20 21.99 24.71
C TRP B 321 -8.29 23.06 24.75
N LEU B 322 -9.57 22.67 24.66
CA LEU B 322 -10.70 23.63 24.75
C LEU B 322 -10.72 24.28 26.12
N GLU B 323 -10.56 23.46 27.18
CA GLU B 323 -10.60 23.89 28.60
C GLU B 323 -9.41 24.83 28.89
N GLU B 324 -8.27 24.60 28.23
CA GLU B 324 -7.05 25.45 28.33
C GLU B 324 -7.30 26.80 27.65
N CYS B 325 -8.16 26.86 26.62
CA CYS B 325 -8.44 28.09 25.82
C CYS B 325 -9.73 28.79 26.29
N GLY B 326 -10.18 28.52 27.51
CA GLY B 326 -11.26 29.28 28.19
C GLY B 326 -12.66 28.81 27.83
N PHE B 327 -12.82 27.54 27.44
CA PHE B 327 -14.13 26.94 27.06
C PHE B 327 -14.56 25.87 28.08
N LYS B 328 -15.88 25.77 28.29
CA LYS B 328 -16.54 24.71 29.09
C LYS B 328 -17.25 23.74 28.13
N VAL B 329 -16.84 22.48 28.15
CA VAL B 329 -17.37 21.40 27.26
C VAL B 329 -18.78 21.03 27.76
N THR B 330 -19.77 21.01 26.87
CA THR B 330 -21.18 20.64 27.19
C THR B 330 -21.56 19.33 26.49
N LYS B 331 -20.79 18.87 25.51
CA LYS B 331 -21.13 17.70 24.68
C LYS B 331 -19.86 17.16 23.99
N ALA B 332 -19.65 15.84 24.07
CA ALA B 332 -18.57 15.08 23.40
C ALA B 332 -19.11 13.71 22.97
N ILE B 333 -19.35 13.53 21.68
CA ILE B 333 -20.01 12.30 21.13
C ILE B 333 -19.21 11.74 19.95
N THR B 334 -19.30 10.42 19.78
CA THR B 334 -18.87 9.64 18.59
C THR B 334 -20.14 9.20 17.87
N LYS B 335 -20.05 8.81 16.59
CA LYS B 335 -21.25 8.36 15.82
C LYS B 335 -21.61 6.95 16.30
N ASN B 336 -22.90 6.62 16.36
CA ASN B 336 -23.40 5.26 16.70
C ASN B 336 -22.69 4.26 15.77
N ALA B 337 -21.80 3.43 16.33
CA ALA B 337 -20.92 2.48 15.59
C ALA B 337 -21.73 1.65 14.58
N ALA B 338 -22.90 1.15 14.99
CA ALA B 338 -23.78 0.22 14.24
C ALA B 338 -24.35 0.91 12.97
N GLU B 339 -24.46 2.24 12.98
CA GLU B 339 -25.02 3.03 11.84
C GLU B 339 -23.89 3.46 10.89
N VAL B 340 -22.64 3.08 11.16
CA VAL B 340 -21.47 3.34 10.26
C VAL B 340 -21.16 2.08 9.47
N PRO B 341 -21.22 2.11 8.12
CA PRO B 341 -20.83 0.97 7.29
C PRO B 341 -19.42 0.47 7.58
N PRO B 342 -19.15 -0.85 7.50
CA PRO B 342 -17.83 -1.38 7.90
C PRO B 342 -16.69 -1.04 6.93
N ASP B 343 -16.96 -0.45 5.76
CA ASP B 343 -15.90 -0.02 4.80
C ASP B 343 -15.34 1.36 5.18
N VAL B 344 -16.02 2.13 6.02
CA VAL B 344 -15.69 3.55 6.32
C VAL B 344 -14.51 3.59 7.32
N ILE B 345 -13.45 4.32 6.98
CA ILE B 345 -12.22 4.45 7.83
C ILE B 345 -12.46 5.48 8.93
N PRO B 346 -12.78 6.76 8.61
CA PRO B 346 -12.80 7.83 9.60
C PRO B 346 -13.88 7.67 10.68
N VAL B 347 -13.45 7.57 11.94
CA VAL B 347 -14.32 7.69 13.14
C VAL B 347 -14.39 9.16 13.55
N GLN B 348 -15.57 9.78 13.45
CA GLN B 348 -15.83 11.22 13.70
C GLN B 348 -16.23 11.41 15.17
N ALA B 349 -15.89 12.58 15.72
CA ALA B 349 -16.40 13.08 17.01
C ALA B 349 -16.98 14.49 16.79
N ILE B 350 -18.01 14.82 17.56
CA ILE B 350 -18.52 16.21 17.74
C ILE B 350 -18.21 16.63 19.17
N ILE B 351 -17.59 17.80 19.34
CA ILE B 351 -17.40 18.43 20.69
C ILE B 351 -17.96 19.86 20.63
N SER B 352 -18.84 20.16 21.59
CA SER B 352 -19.51 21.47 21.77
C SER B 352 -18.98 22.05 23.07
N ALA B 353 -18.66 23.35 23.06
CA ALA B 353 -18.12 24.06 24.24
C ALA B 353 -18.65 25.51 24.26
N THR B 354 -18.71 26.11 25.45
CA THR B 354 -19.23 27.48 25.69
C THR B 354 -18.08 28.33 26.27
N LYS B 355 -17.83 29.51 25.69
CA LYS B 355 -16.82 30.46 26.24
C LYS B 355 -17.26 30.85 27.65
N VAL B 356 -16.40 30.60 28.64
CA VAL B 356 -16.60 31.07 30.05
C VAL B 356 -15.46 32.03 30.44
N VAL B 357 -14.40 32.10 29.63
CA VAL B 357 -13.11 32.83 29.89
C VAL B 357 -13.03 33.20 31.38
N SAH C . 18.03 -17.56 -10.87
CA SAH C . 18.43 -16.37 -10.05
CB SAH C . 17.79 -15.08 -10.56
CG SAH C . 16.28 -15.14 -10.68
SD SAH C . 15.52 -13.56 -11.16
C SAH C . 18.05 -16.60 -8.60
O SAH C . 17.23 -17.48 -8.30
OXT SAH C . 18.57 -15.90 -7.73
C5' SAH C . 15.16 -13.79 -12.92
C4' SAH C . 16.36 -13.73 -13.84
O4' SAH C . 15.93 -13.95 -15.21
C3' SAH C . 17.13 -12.39 -13.86
O3' SAH C . 18.53 -12.59 -13.64
C2' SAH C . 16.87 -11.85 -15.28
O2' SAH C . 17.94 -11.12 -15.84
C1' SAH C . 16.71 -13.15 -16.05
N9 SAH C . 16.02 -13.00 -17.34
C8 SAH C . 14.92 -12.22 -17.60
N7 SAH C . 14.52 -12.31 -18.84
C5 SAH C . 15.42 -13.18 -19.45
C6 SAH C . 15.54 -13.67 -20.76
N6 SAH C . 14.71 -13.35 -21.74
N1 SAH C . 16.56 -14.52 -21.03
C2 SAH C . 17.40 -14.84 -20.02
N3 SAH C . 17.38 -14.45 -18.75
C4 SAH C . 16.36 -13.60 -18.53
C TRS D . 3.18 -12.94 -24.35
C1 TRS D . 4.08 -14.17 -24.16
C2 TRS D . 2.45 -13.01 -25.68
C3 TRS D . 2.16 -12.83 -23.20
N TRS D . 4.05 -11.72 -24.35
O1 TRS D . 3.79 -14.87 -22.96
O2 TRS D . 1.59 -14.14 -25.75
O3 TRS D . 2.37 -11.68 -22.40
N SAH E . -15.21 23.27 6.48
CA SAH E . -14.57 22.46 5.40
CB SAH E . -13.13 22.11 5.78
CG SAH E . -12.38 21.23 4.78
SD SAH E . -11.30 22.11 3.62
C SAH E . -15.42 21.19 5.17
O SAH E . -15.51 20.63 4.08
OXT SAH E . -16.06 20.70 6.10
C5' SAH E . -10.15 23.07 4.66
C4' SAH E . -10.27 24.55 4.37
O4' SAH E . -9.34 25.29 5.20
C3' SAH E . -9.95 24.96 2.93
O3' SAH E . -11.11 25.52 2.34
C2' SAH E . -8.82 25.99 3.08
O2' SAH E . -8.91 27.04 2.15
C1' SAH E . -9.05 26.48 4.51
N9 SAH E . -7.91 27.11 5.14
C8 SAH E . -6.64 26.60 5.20
N7 SAH E . -5.81 27.35 5.89
C5 SAH E . -6.60 28.41 6.34
C6 SAH E . -6.30 29.53 7.13
N6 SAH E . -5.09 29.77 7.64
N1 SAH E . -7.32 30.39 7.41
C2 SAH E . -8.52 30.14 6.89
N3 SAH E . -8.92 29.12 6.13
C4 SAH E . -7.90 28.27 5.88
#